data_1D21
# 
_entry.id   1D21 
# 
_audit_conform.dict_name       mmcif_pdbx.dic 
_audit_conform.dict_version    5.385 
_audit_conform.dict_location   http://mmcif.pdb.org/dictionaries/ascii/mmcif_pdbx.dic 
# 
loop_
_database_2.database_id 
_database_2.database_code 
_database_2.pdbx_database_accession 
_database_2.pdbx_DOI 
PDB   1D21         pdb_00001d21 10.2210/pdb1d21/pdb 
RCSB  DDFA14       ?            ?                   
WWPDB D_1000172626 ?            ?                   
# 
loop_
_pdbx_audit_revision_history.ordinal 
_pdbx_audit_revision_history.data_content_type 
_pdbx_audit_revision_history.major_revision 
_pdbx_audit_revision_history.minor_revision 
_pdbx_audit_revision_history.revision_date 
1 'Structure model' 1 0 1991-07-15 
2 'Structure model' 1 1 2008-05-22 
3 'Structure model' 1 2 2011-07-13 
4 'Structure model' 1 3 2011-08-24 
5 'Structure model' 1 4 2024-02-07 
# 
_pdbx_audit_revision_details.ordinal             1 
_pdbx_audit_revision_details.revision_ordinal    1 
_pdbx_audit_revision_details.data_content_type   'Structure model' 
_pdbx_audit_revision_details.provider            repository 
_pdbx_audit_revision_details.type                'Initial release' 
_pdbx_audit_revision_details.description         ? 
_pdbx_audit_revision_details.details             ? 
# 
loop_
_pdbx_audit_revision_group.ordinal 
_pdbx_audit_revision_group.revision_ordinal 
_pdbx_audit_revision_group.data_content_type 
_pdbx_audit_revision_group.group 
1 2 'Structure model' 'Version format compliance' 
2 3 'Structure model' 'Version format compliance' 
3 4 'Structure model' 'Atomic model'              
4 4 'Structure model' 'Derived calculations'      
5 5 'Structure model' 'Data collection'           
6 5 'Structure model' 'Database references'       
7 5 'Structure model' 'Derived calculations'      
# 
loop_
_pdbx_audit_revision_category.ordinal 
_pdbx_audit_revision_category.revision_ordinal 
_pdbx_audit_revision_category.data_content_type 
_pdbx_audit_revision_category.category 
1 5 'Structure model' chem_comp_atom 
2 5 'Structure model' chem_comp_bond 
3 5 'Structure model' database_2     
4 5 'Structure model' struct_conn    
5 5 'Structure model' struct_site    
# 
loop_
_pdbx_audit_revision_item.ordinal 
_pdbx_audit_revision_item.revision_ordinal 
_pdbx_audit_revision_item.data_content_type 
_pdbx_audit_revision_item.item 
1 5 'Structure model' '_database_2.pdbx_DOI'                
2 5 'Structure model' '_database_2.pdbx_database_accession' 
3 5 'Structure model' '_struct_conn.pdbx_leaving_atom_flag' 
4 5 'Structure model' '_struct_site.pdbx_auth_asym_id'      
5 5 'Structure model' '_struct_site.pdbx_auth_comp_id'      
6 5 'Structure model' '_struct_site.pdbx_auth_seq_id'       
# 
_pdbx_database_status.status_code                     REL 
_pdbx_database_status.entry_id                        1D21 
_pdbx_database_status.recvd_initial_deposition_date   1990-08-08 
_pdbx_database_status.deposit_site                    BNL 
_pdbx_database_status.process_site                    BNL 
_pdbx_database_status.SG_entry                        . 
_pdbx_database_status.status_code_sf                  ? 
_pdbx_database_status.status_code_mr                  ? 
_pdbx_database_status.status_code_cs                  ? 
_pdbx_database_status.pdb_format_compatible           Y 
_pdbx_database_status.status_code_nmr_data            ? 
_pdbx_database_status.methods_development_category    ? 
# 
loop_
_audit_author.name 
_audit_author.pdbx_ordinal 
'Gao, Y.-G.'    1 
'Liaw, Y.-C.'   2 
'Robinson, H.'  3 
'Wang, A.H.-J.' 4 
# 
loop_
_citation.id 
_citation.title 
_citation.journal_abbrev 
_citation.journal_volume 
_citation.page_first 
_citation.page_last 
_citation.year 
_citation.journal_id_ASTM 
_citation.country 
_citation.journal_id_ISSN 
_citation.journal_id_CSD 
_citation.book_publisher 
_citation.pdbx_database_id_PubMed 
_citation.pdbx_database_id_DOI 
primary 'Binding of the antitumor drug nogalamycin and its derivatives to DNA: structural comparison.'                        
Biochemistry         29 10307 10316 1990 BICHAW US 0006-2960 0033 ? 2261474 10.1021/bi00497a004 
1       'Antitumor Drug Nogalamycin Binds DNA in Both Grooves Simultaneously: Molecular Structure of Nogalamycin-DNA Complex' 
Biochemistry         28 9913  9918  1989 BICHAW US 0006-2960 0033 ? ?       ?                   
2       'NMR Studies on the Binding of Antitumor Drug Nogalamycin to DNA Hexamer d(CGTACG)'                                   
'Nucleic Acids Res.' 18 4851  4858  1990 NARHAD UK 0305-1048 0389 ? ?       ?                   
# 
loop_
_citation_author.citation_id 
_citation_author.name 
_citation_author.ordinal 
_citation_author.identifier_ORCID 
primary 'Gao, Y.G.'           1  ? 
primary 'Liaw, Y.C.'          2  ? 
primary 'Robinson, H.'        3  ? 
primary 'Wang, A.H.'          4  ? 
1       'Liaw, Y.-C.'         5  ? 
1       'Gao, Y.-G.'          6  ? 
1       'Robinson, H.'        7  ? 
1       'Van Der Marel, G.A.' 8  ? 
1       'Van Boom, J.H.'      9  ? 
1       'Wang, A.H.-J.'       10 ? 
2       'Robinson, H.'        11 ? 
2       'Liaw, Y.-C.'         12 ? 
2       'Van Der Marel, G.A.' 13 ? 
2       'Van Boom, J.H.'      14 ? 
2       'Wang, A.H.-J.'       15 ? 
# 
loop_
_entity.id 
_entity.type 
_entity.src_method 
_entity.pdbx_description 
_entity.formula_weight 
_entity.pdbx_number_of_molecules 
_entity.pdbx_ec 
_entity.pdbx_mutation 
_entity.pdbx_fragment 
_entity.details 
1 polymer     syn 
;DNA (5'-D(*(5CM)P*GP*TP*(AS)P*(5CM)P*G)-3')
;
1853.336 2  ? ? ? ? 
2 non-polymer syn NOGALAMYCIN                                   787.803  2  ? ? ? ? 
3 water       nat water                                         18.015   77 ? ? ? ? 
# 
_entity_poly.entity_id                      1 
_entity_poly.type                           polydeoxyribonucleotide 
_entity_poly.nstd_linkage                   no 
_entity_poly.nstd_monomer                   yes 
_entity_poly.pdbx_seq_one_letter_code       '(5CM)(DG)(DT)(AS)(5CM)(DG)' 
_entity_poly.pdbx_seq_one_letter_code_can   CGTACG 
_entity_poly.pdbx_strand_id                 A,B 
_entity_poly.pdbx_target_identifier         ? 
# 
loop_
_pdbx_entity_nonpoly.entity_id 
_pdbx_entity_nonpoly.name 
_pdbx_entity_nonpoly.comp_id 
2 NOGALAMYCIN NGM 
3 water       HOH 
# 
loop_
_entity_poly_seq.entity_id 
_entity_poly_seq.num 
_entity_poly_seq.mon_id 
_entity_poly_seq.hetero 
1 1 5CM n 
1 2 DG  n 
1 3 DT  n 
1 4 AS  n 
1 5 5CM n 
1 6 DG  n 
# 
loop_
_chem_comp.id 
_chem_comp.type 
_chem_comp.mon_nstd_flag 
_chem_comp.name 
_chem_comp.pdbx_synonyms 
_chem_comp.formula 
_chem_comp.formula_weight 
5CM 'DNA linking' n "5-METHYL-2'-DEOXY-CYTIDINE-5'-MONOPHOSPHATE" ? 'C10 H16 N3 O7 P'   321.224 
AS  'DNA linking' n 
;2-DEOXY-ADENOSINE -5'-THIO-MONOPHOSPHATE
;
? 'C10 H14 N5 O5 P S' 347.287 
DG  'DNA linking' y "2'-DEOXYGUANOSINE-5'-MONOPHOSPHATE"          ? 'C10 H14 N5 O7 P'   347.221 
DT  'DNA linking' y "THYMIDINE-5'-MONOPHOSPHATE"                  ? 'C10 H15 N2 O8 P'   322.208 
HOH non-polymer   . WATER                                         ? 'H2 O'              18.015  
NGM non-polymer   . NOGALAMYCIN                                   ? 'C39 H49 N O16'     787.803 
# 
loop_
_pdbx_poly_seq_scheme.asym_id 
_pdbx_poly_seq_scheme.entity_id 
_pdbx_poly_seq_scheme.seq_id 
_pdbx_poly_seq_scheme.mon_id 
_pdbx_poly_seq_scheme.ndb_seq_num 
_pdbx_poly_seq_scheme.pdb_seq_num 
_pdbx_poly_seq_scheme.auth_seq_num 
_pdbx_poly_seq_scheme.pdb_mon_id 
_pdbx_poly_seq_scheme.auth_mon_id 
_pdbx_poly_seq_scheme.pdb_strand_id 
_pdbx_poly_seq_scheme.pdb_ins_code 
_pdbx_poly_seq_scheme.hetero 
A 1 1 5CM 1 1  1  5CM 5CM A . n 
A 1 2 DG  2 2  2  DG  DG  A . n 
A 1 3 DT  3 3  3  DT  DT  A . n 
A 1 4 AS  4 4  4  AS  AS  A . n 
A 1 5 5CM 5 5  5  5CM 5CM A . n 
A 1 6 DG  6 6  6  DG  DG  A . n 
B 1 1 5CM 1 7  7  5CM 5CM B . n 
B 1 2 DG  2 8  8  DG  DG  B . n 
B 1 3 DT  3 9  9  DT  DT  B . n 
B 1 4 AS  4 10 10 AS  AS  B . n 
B 1 5 5CM 5 11 11 5CM 5CM B . n 
B 1 6 DG  6 12 12 DG  DG  B . n 
# 
loop_
_pdbx_nonpoly_scheme.asym_id 
_pdbx_nonpoly_scheme.entity_id 
_pdbx_nonpoly_scheme.mon_id 
_pdbx_nonpoly_scheme.ndb_seq_num 
_pdbx_nonpoly_scheme.pdb_seq_num 
_pdbx_nonpoly_scheme.auth_seq_num 
_pdbx_nonpoly_scheme.pdb_mon_id 
_pdbx_nonpoly_scheme.auth_mon_id 
_pdbx_nonpoly_scheme.pdb_strand_id 
_pdbx_nonpoly_scheme.pdb_ins_code 
C 2 NGM 1  14 14 NGM NGM A . 
D 2 NGM 1  13 13 NGM NGM B . 
E 3 HOH 1  15 15 HOH HOH A . 
E 3 HOH 2  19 19 HOH HOH A . 
E 3 HOH 3  23 23 HOH HOH A . 
E 3 HOH 4  25 25 HOH HOH A . 
E 3 HOH 5  28 28 HOH HOH A . 
E 3 HOH 6  30 30 HOH HOH A . 
E 3 HOH 7  31 31 HOH HOH A . 
E 3 HOH 8  32 32 HOH HOH A . 
E 3 HOH 9  35 35 HOH HOH A . 
E 3 HOH 10 36 36 HOH HOH A . 
E 3 HOH 11 38 38 HOH HOH A . 
E 3 HOH 12 40 40 HOH HOH A . 
E 3 HOH 13 41 41 HOH HOH A . 
E 3 HOH 14 42 42 HOH HOH A . 
E 3 HOH 15 43 43 HOH HOH A . 
E 3 HOH 16 44 44 HOH HOH A . 
E 3 HOH 17 47 47 HOH HOH A . 
E 3 HOH 18 48 48 HOH HOH A . 
E 3 HOH 19 51 51 HOH HOH A . 
E 3 HOH 20 52 52 HOH HOH A . 
E 3 HOH 21 53 53 HOH HOH A . 
E 3 HOH 22 55 55 HOH HOH A . 
E 3 HOH 23 57 57 HOH HOH A . 
E 3 HOH 24 58 58 HOH HOH A . 
E 3 HOH 25 62 62 HOH HOH A . 
E 3 HOH 26 63 63 HOH HOH A . 
E 3 HOH 27 64 64 HOH HOH A . 
E 3 HOH 28 66 66 HOH HOH A . 
E 3 HOH 29 67 67 HOH HOH A . 
E 3 HOH 30 68 68 HOH HOH A . 
E 3 HOH 31 69 69 HOH HOH A . 
E 3 HOH 32 70 70 HOH HOH A . 
E 3 HOH 33 71 71 HOH HOH A . 
E 3 HOH 34 72 72 HOH HOH A . 
E 3 HOH 35 73 73 HOH HOH A . 
E 3 HOH 36 76 76 HOH HOH A . 
E 3 HOH 37 78 78 HOH HOH A . 
E 3 HOH 38 79 79 HOH HOH A . 
E 3 HOH 39 80 80 HOH HOH A . 
E 3 HOH 40 81 81 HOH HOH A . 
E 3 HOH 41 82 82 HOH HOH A . 
E 3 HOH 42 83 83 HOH HOH A . 
E 3 HOH 43 86 86 HOH HOH A . 
E 3 HOH 44 87 87 HOH HOH A . 
E 3 HOH 45 90 90 HOH HOH A . 
F 3 HOH 1  16 16 HOH HOH B . 
F 3 HOH 2  17 17 HOH HOH B . 
F 3 HOH 3  18 18 HOH HOH B . 
F 3 HOH 4  20 20 HOH HOH B . 
F 3 HOH 5  21 21 HOH HOH B . 
F 3 HOH 6  22 22 HOH HOH B . 
F 3 HOH 7  24 24 HOH HOH B . 
F 3 HOH 8  26 26 HOH HOH B . 
F 3 HOH 9  27 27 HOH HOH B . 
F 3 HOH 10 29 29 HOH HOH B . 
F 3 HOH 11 33 33 HOH HOH B . 
F 3 HOH 12 34 34 HOH HOH B . 
F 3 HOH 13 37 37 HOH HOH B . 
F 3 HOH 14 39 39 HOH HOH B . 
F 3 HOH 15 45 45 HOH HOH B . 
F 3 HOH 16 46 46 HOH HOH B . 
F 3 HOH 17 49 49 HOH HOH B . 
F 3 HOH 18 50 50 HOH HOH B . 
F 3 HOH 19 54 54 HOH HOH B . 
F 3 HOH 20 56 56 HOH HOH B . 
F 3 HOH 21 59 59 HOH HOH B . 
F 3 HOH 22 60 60 HOH HOH B . 
F 3 HOH 23 61 61 HOH HOH B . 
F 3 HOH 24 65 65 HOH HOH B . 
F 3 HOH 25 74 74 HOH HOH B . 
F 3 HOH 26 75 75 HOH HOH B . 
F 3 HOH 27 77 77 HOH HOH B . 
F 3 HOH 28 84 84 HOH HOH B . 
F 3 HOH 29 85 85 HOH HOH B . 
F 3 HOH 30 88 88 HOH HOH B . 
F 3 HOH 31 89 89 HOH HOH B . 
F 3 HOH 32 91 91 HOH HOH B . 
# 
_software.name             NUCLSQ 
_software.classification   refinement 
_software.version          . 
_software.citation_id      ? 
_software.pdbx_ordinal     1 
# 
_cell.entry_id           1D21 
_cell.length_a           26.310 
_cell.length_b           26.310 
_cell.length_c           100.250 
_cell.angle_alpha        90.00 
_cell.angle_beta         90.00 
_cell.angle_gamma        120.00 
_cell.Z_PDB              12 
_cell.pdbx_unique_axis   ? 
_cell.length_a_esd       ? 
_cell.length_b_esd       ? 
_cell.length_c_esd       ? 
_cell.angle_alpha_esd    ? 
_cell.angle_beta_esd     ? 
_cell.angle_gamma_esd    ? 
# 
_symmetry.entry_id                         1D21 
_symmetry.space_group_name_H-M             'P 61' 
_symmetry.pdbx_full_space_group_name_H-M   ? 
_symmetry.cell_setting                     ? 
_symmetry.Int_Tables_number                169 
_symmetry.space_group_name_Hall            ? 
# 
_exptl.entry_id          1D21 
_exptl.method            'X-RAY DIFFRACTION' 
_exptl.crystals_number   ? 
# 
_exptl_crystal.id                    1 
_exptl_crystal.density_meas          ? 
_exptl_crystal.density_percent_sol   54.48 
_exptl_crystal.density_Matthews      2.70 
_exptl_crystal.description           ? 
_exptl_crystal.F_000                 ? 
_exptl_crystal.preparation           ? 
# 
_exptl_crystal_grow.crystal_id      1 
_exptl_crystal_grow.method          'VAPOR DIFFUSION' 
_exptl_crystal_grow.temp            298.00 
_exptl_crystal_grow.temp_details    ? 
_exptl_crystal_grow.pH              5.00 
_exptl_crystal_grow.pdbx_details    'pH 5.00, VAPOR DIFFUSION, temperature 298.00K' 
_exptl_crystal_grow.pdbx_pH_range   ? 
# 
loop_
_exptl_crystal_grow_comp.crystal_id 
_exptl_crystal_grow_comp.id 
_exptl_crystal_grow_comp.sol_id 
_exptl_crystal_grow_comp.name 
_exptl_crystal_grow_comp.volume 
_exptl_crystal_grow_comp.conc 
_exptl_crystal_grow_comp.details 
1 1 1 WATER           ? ? ? 
1 2 1 'PEG 400'       ? ? ? 
1 3 1 MGCL2           ? ? ? 
1 4 1 'NA CACODYLATE' ? ? ? 
1 5 2 WATER           ? ? ? 
1 6 2 'PEG 400'       ? ? ? 
# 
_diffrn.id                     1 
_diffrn.ambient_temp           298.00 
_diffrn.ambient_temp_details   ? 
_diffrn.crystal_id             1 
# 
_diffrn_detector.diffrn_id              1 
_diffrn_detector.detector               DIFFRACTOMETER 
_diffrn_detector.type                   'RIGAKU AFC-5R' 
_diffrn_detector.pdbx_collection_date   ? 
_diffrn_detector.details                ? 
# 
_diffrn_radiation.diffrn_id                        1 
_diffrn_radiation.wavelength_id                    1 
_diffrn_radiation.pdbx_monochromatic_or_laue_m_l   ? 
_diffrn_radiation.monochromator                    ? 
_diffrn_radiation.pdbx_diffrn_protocol             ? 
_diffrn_radiation.pdbx_scattering_type             x-ray 
# 
_diffrn_radiation_wavelength.id           1 
_diffrn_radiation_wavelength.wavelength   1.5418 
_diffrn_radiation_wavelength.wt           1.0 
# 
_diffrn_source.diffrn_id                   1 
_diffrn_source.source                      'ROTATING ANODE' 
_diffrn_source.type                        RIGAKU 
_diffrn_source.pdbx_synchrotron_site       ? 
_diffrn_source.pdbx_synchrotron_beamline   ? 
_diffrn_source.pdbx_wavelength             1.5418 
_diffrn_source.pdbx_wavelength_list        ? 
# 
_reflns.entry_id                     1D21 
_reflns.observed_criterion_sigma_I   ? 
_reflns.observed_criterion_sigma_F   2.000 
_reflns.d_resolution_low             ? 
_reflns.d_resolution_high            1.700 
_reflns.number_obs                   3386 
_reflns.number_all                   5276 
_reflns.percent_possible_obs         ? 
_reflns.pdbx_Rmerge_I_obs            ? 
_reflns.pdbx_Rsym_value              ? 
_reflns.pdbx_netI_over_sigmaI        ? 
_reflns.B_iso_Wilson_estimate        ? 
_reflns.pdbx_redundancy              ? 
_reflns.pdbx_ordinal                 1 
_reflns.pdbx_diffrn_id               1 
_reflns.R_free_details               ? 
_reflns.pdbx_chi_squared             ? 
_reflns.pdbx_scaling_rejects         ? 
# 
_refine.entry_id                                 1D21 
_refine.ls_number_reflns_obs                     3386 
_refine.ls_number_reflns_all                     ? 
_refine.pdbx_ls_sigma_I                          ? 
_refine.pdbx_ls_sigma_F                          2.000 
_refine.pdbx_data_cutoff_high_absF               ? 
_refine.pdbx_data_cutoff_low_absF                ? 
_refine.pdbx_data_cutoff_high_rms_absF           ? 
_refine.ls_d_res_low                             ? 
_refine.ls_d_res_high                            1.700 
_refine.ls_percent_reflns_obs                    ? 
_refine.ls_R_factor_obs                          0.208 
_refine.ls_R_factor_all                          ? 
_refine.ls_R_factor_R_work                       ? 
_refine.ls_R_factor_R_free                       ? 
_refine.ls_R_factor_R_free_error                 ? 
_refine.ls_R_factor_R_free_error_details         ? 
_refine.ls_percent_reflns_R_free                 ? 
_refine.ls_number_reflns_R_free                  ? 
_refine.ls_number_parameters                     ? 
_refine.ls_number_restraints                     ? 
_refine.occupancy_min                            ? 
_refine.occupancy_max                            ? 
_refine.B_iso_mean                               ? 
_refine.aniso_B[1][1]                            ? 
_refine.aniso_B[2][2]                            ? 
_refine.aniso_B[3][3]                            ? 
_refine.aniso_B[1][2]                            ? 
_refine.aniso_B[1][3]                            ? 
_refine.aniso_B[2][3]                            ? 
_refine.solvent_model_details                    ? 
_refine.solvent_model_param_ksol                 ? 
_refine.solvent_model_param_bsol                 ? 
_refine.pdbx_ls_cross_valid_method               ? 
_refine.details                                  ? 
_refine.pdbx_starting_model                      ? 
_refine.pdbx_method_to_determine_struct          ? 
_refine.pdbx_isotropic_thermal_model             ? 
_refine.pdbx_stereochemistry_target_values       ? 
_refine.pdbx_stereochem_target_val_spec_case     ? 
_refine.pdbx_R_Free_selection_details            ? 
_refine.pdbx_overall_ESU_R_Free                  ? 
_refine.overall_SU_ML                            ? 
_refine.overall_SU_B                             ? 
_refine.pdbx_refine_id                           'X-RAY DIFFRACTION' 
_refine.pdbx_diffrn_id                           1 
_refine.ls_redundancy_reflns_obs                 ? 
_refine.pdbx_overall_ESU_R                       ? 
_refine.pdbx_overall_phase_error                 ? 
_refine.correlation_coeff_Fo_to_Fc               ? 
_refine.correlation_coeff_Fo_to_Fc_free          ? 
_refine.pdbx_solvent_vdw_probe_radii             ? 
_refine.pdbx_solvent_ion_probe_radii             ? 
_refine.pdbx_solvent_shrinkage_radii             ? 
_refine.overall_SU_R_Cruickshank_DPI             ? 
_refine.overall_SU_R_free                        ? 
_refine.ls_wR_factor_R_free                      ? 
_refine.ls_wR_factor_R_work                      ? 
_refine.overall_FOM_free_R_set                   ? 
_refine.overall_FOM_work_R_set                   ? 
_refine.pdbx_TLS_residual_ADP_flag               ? 
_refine.pdbx_overall_SU_R_free_Cruickshank_DPI   ? 
_refine.pdbx_overall_SU_R_Blow_DPI               ? 
_refine.pdbx_overall_SU_R_free_Blow_DPI          ? 
# 
_refine_hist.pdbx_refine_id                   'X-RAY DIFFRACTION' 
_refine_hist.cycle_id                         LAST 
_refine_hist.pdbx_number_atoms_protein        0 
_refine_hist.pdbx_number_atoms_nucleic_acid   244 
_refine_hist.pdbx_number_atoms_ligand         112 
_refine_hist.number_atoms_solvent             77 
_refine_hist.number_atoms_total               433 
_refine_hist.d_res_high                       1.700 
_refine_hist.d_res_low                        . 
# 
loop_
_refine_ls_restr.type 
_refine_ls_restr.dev_ideal 
_refine_ls_restr.dev_ideal_target 
_refine_ls_restr.weight 
_refine_ls_restr.number 
_refine_ls_restr.pdbx_refine_id 
_refine_ls_restr.pdbx_restraint_function 
n_bond_d               0.032 ? ? ? 'X-RAY DIFFRACTION' ? 
n_angle_d              0.054 ? ? ? 'X-RAY DIFFRACTION' ? 
n_planar_d             ?     ? ? ? 'X-RAY DIFFRACTION' ? 
n_hb_or_metal_coord    ?     ? ? ? 'X-RAY DIFFRACTION' ? 
n_sugar_bond_it        ?     ? ? ? 'X-RAY DIFFRACTION' ? 
n_sugar_angle_it       ?     ? ? ? 'X-RAY DIFFRACTION' ? 
n_phos_bond_it         ?     ? ? ? 'X-RAY DIFFRACTION' ? 
n_phos_angle_it        ?     ? ? ? 'X-RAY DIFFRACTION' ? 
n_bond_angle_restr     ?     ? ? ? 'X-RAY DIFFRACTION' ? 
n_dihedral_angle_restr ?     ? ? ? 'X-RAY DIFFRACTION' ? 
n_impr_tor             ?     ? ? ? 'X-RAY DIFFRACTION' ? 
n_sugar_bond_d         ?     ? ? ? 'X-RAY DIFFRACTION' ? 
n_sugar_bond_angle_d   ?     ? ? ? 'X-RAY DIFFRACTION' ? 
n_phos_bond_d          ?     ? ? ? 'X-RAY DIFFRACTION' ? 
n_phos_bond_angle_d    ?     ? ? ? 'X-RAY DIFFRACTION' ? 
n_plane_restr          ?     ? ? ? 'X-RAY DIFFRACTION' ? 
n_chiral_restr         ?     ? ? ? 'X-RAY DIFFRACTION' ? 
n_singtor_nbd          ?     ? ? ? 'X-RAY DIFFRACTION' ? 
n_multtor_nbd          ?     ? ? ? 'X-RAY DIFFRACTION' ? 
n_xhyhbond_nbd         ?     ? ? ? 'X-RAY DIFFRACTION' ? 
# 
_struct.entry_id                  1D21 
_struct.title                     'BINDING OF THE ANTITUMOR DRUG NOGALAMYCIN AND ITS DERIVATIVES TO DNA: STRUCTURAL COMPARISON' 
_struct.pdbx_model_details        ? 
_struct.pdbx_CASP_flag            ? 
_struct.pdbx_model_type_details   ? 
# 
_struct_keywords.entry_id        1D21 
_struct_keywords.pdbx_keywords   DNA 
_struct_keywords.text            'RIGHT HANDED DNA, DOUBLE HELIX, COMPLEXED WITH DRUG, MODIFIED, DNA' 
# 
loop_
_struct_asym.id 
_struct_asym.pdbx_blank_PDB_chainid_flag 
_struct_asym.pdbx_modified 
_struct_asym.entity_id 
_struct_asym.details 
A N N 1 ? 
B N N 1 ? 
C N N 2 ? 
D N N 2 ? 
E N N 3 ? 
F N N 3 ? 
# 
_struct_ref.id                         1 
_struct_ref.entity_id                  1 
_struct_ref.db_name                    PDB 
_struct_ref.db_code                    1D21 
_struct_ref.pdbx_db_accession          1D21 
_struct_ref.pdbx_align_begin           ? 
_struct_ref.pdbx_seq_one_letter_code   ? 
_struct_ref.pdbx_db_isoform            ? 
# 
loop_
_struct_ref_seq.align_id 
_struct_ref_seq.ref_id 
_struct_ref_seq.pdbx_PDB_id_code 
_struct_ref_seq.pdbx_strand_id 
_struct_ref_seq.seq_align_beg 
_struct_ref_seq.pdbx_seq_align_beg_ins_code 
_struct_ref_seq.seq_align_end 
_struct_ref_seq.pdbx_seq_align_end_ins_code 
_struct_ref_seq.pdbx_db_accession 
_struct_ref_seq.db_align_beg 
_struct_ref_seq.pdbx_db_align_beg_ins_code 
_struct_ref_seq.db_align_end 
_struct_ref_seq.pdbx_db_align_end_ins_code 
_struct_ref_seq.pdbx_auth_seq_align_beg 
_struct_ref_seq.pdbx_auth_seq_align_end 
1 1 1D21 A 1 ? 6 ? 1D21 1 ? 6  ? 1 6  
2 1 1D21 B 1 ? 6 ? 1D21 7 ? 12 ? 7 12 
# 
_pdbx_struct_assembly.id                   1 
_pdbx_struct_assembly.details              author_defined_assembly 
_pdbx_struct_assembly.method_details       ? 
_pdbx_struct_assembly.oligomeric_details   dimeric 
_pdbx_struct_assembly.oligomeric_count     2 
# 
_pdbx_struct_assembly_gen.assembly_id       1 
_pdbx_struct_assembly_gen.oper_expression   1 
_pdbx_struct_assembly_gen.asym_id_list      A,B,C,D,E,F 
# 
_pdbx_struct_oper_list.id                   1 
_pdbx_struct_oper_list.type                 'identity operation' 
_pdbx_struct_oper_list.name                 1_555 
_pdbx_struct_oper_list.symmetry_operation   x,y,z 
_pdbx_struct_oper_list.matrix[1][1]         1.0000000000 
_pdbx_struct_oper_list.matrix[1][2]         0.0000000000 
_pdbx_struct_oper_list.matrix[1][3]         0.0000000000 
_pdbx_struct_oper_list.vector[1]            0.0000000000 
_pdbx_struct_oper_list.matrix[2][1]         0.0000000000 
_pdbx_struct_oper_list.matrix[2][2]         1.0000000000 
_pdbx_struct_oper_list.matrix[2][3]         0.0000000000 
_pdbx_struct_oper_list.vector[2]            0.0000000000 
_pdbx_struct_oper_list.matrix[3][1]         0.0000000000 
_pdbx_struct_oper_list.matrix[3][2]         0.0000000000 
_pdbx_struct_oper_list.matrix[3][3]         1.0000000000 
_pdbx_struct_oper_list.vector[3]            0.0000000000 
# 
_struct_biol.id        1 
_struct_biol.details   ? 
# 
loop_
_struct_conn.id 
_struct_conn.conn_type_id 
_struct_conn.pdbx_leaving_atom_flag 
_struct_conn.pdbx_PDB_id 
_struct_conn.ptnr1_label_asym_id 
_struct_conn.ptnr1_label_comp_id 
_struct_conn.ptnr1_label_seq_id 
_struct_conn.ptnr1_label_atom_id 
_struct_conn.pdbx_ptnr1_label_alt_id 
_struct_conn.pdbx_ptnr1_PDB_ins_code 
_struct_conn.pdbx_ptnr1_standard_comp_id 
_struct_conn.ptnr1_symmetry 
_struct_conn.ptnr2_label_asym_id 
_struct_conn.ptnr2_label_comp_id 
_struct_conn.ptnr2_label_seq_id 
_struct_conn.ptnr2_label_atom_id 
_struct_conn.pdbx_ptnr2_label_alt_id 
_struct_conn.pdbx_ptnr2_PDB_ins_code 
_struct_conn.ptnr1_auth_asym_id 
_struct_conn.ptnr1_auth_comp_id 
_struct_conn.ptnr1_auth_seq_id 
_struct_conn.ptnr2_auth_asym_id 
_struct_conn.ptnr2_auth_comp_id 
_struct_conn.ptnr2_auth_seq_id 
_struct_conn.ptnr2_symmetry 
_struct_conn.pdbx_ptnr3_label_atom_id 
_struct_conn.pdbx_ptnr3_label_seq_id 
_struct_conn.pdbx_ptnr3_label_comp_id 
_struct_conn.pdbx_ptnr3_label_asym_id 
_struct_conn.pdbx_ptnr3_label_alt_id 
_struct_conn.pdbx_ptnr3_PDB_ins_code 
_struct_conn.details 
_struct_conn.pdbx_dist_value 
_struct_conn.pdbx_value_order 
_struct_conn.pdbx_role 
covale1  covale both ? A 5CM 1 "O3'" ? ? ? 1_555 A DG  2 P  ? ? A 5CM 1  A DG  2  1_555 ? ? ? ? ? ? ?            1.628 ? ? 
covale2  covale both ? A DT  3 "O3'" ? ? ? 1_555 A AS  4 P  ? ? A DT  3  A AS  4  1_555 ? ? ? ? ? ? ?            1.600 ? ? 
covale3  covale both ? A AS  4 "O3'" ? ? ? 1_555 A 5CM 5 P  ? ? A AS  4  A 5CM 5  1_555 ? ? ? ? ? ? ?            1.743 ? ? 
covale4  covale both ? A 5CM 5 "O3'" ? ? ? 1_555 A DG  6 P  ? ? A 5CM 5  A DG  6  1_555 ? ? ? ? ? ? ?            1.576 ? ? 
covale5  covale both ? B 5CM 1 "O3'" ? ? ? 1_555 B DG  2 P  ? ? B 5CM 7  B DG  8  1_555 ? ? ? ? ? ? ?            1.622 ? ? 
covale6  covale both ? B DT  3 "O3'" ? ? ? 1_555 B AS  4 P  ? ? B DT  9  B AS  10 1_555 ? ? ? ? ? ? ?            1.487 ? ? 
covale7  covale both ? B AS  4 "O3'" ? ? ? 1_555 B 5CM 5 P  ? ? B AS  10 B 5CM 11 1_555 ? ? ? ? ? ? ?            1.644 ? ? 
covale8  covale both ? B 5CM 5 "O3'" ? ? ? 1_555 B DG  6 P  ? ? B 5CM 11 B DG  12 1_555 ? ? ? ? ? ? ?            1.607 ? ? 
hydrog1  hydrog ?    ? A 5CM 1 N3    ? ? ? 1_555 B DG  6 N1 ? ? A 5CM 1  B DG  12 1_555 ? ? ? ? ? ? WATSON-CRICK ?     ? ? 
hydrog2  hydrog ?    ? A 5CM 1 N4    ? ? ? 1_555 B DG  6 O6 ? ? A 5CM 1  B DG  12 1_555 ? ? ? ? ? ? WATSON-CRICK ?     ? ? 
hydrog3  hydrog ?    ? A 5CM 1 O2    ? ? ? 1_555 B DG  6 N2 ? ? A 5CM 1  B DG  12 1_555 ? ? ? ? ? ? WATSON-CRICK ?     ? ? 
hydrog4  hydrog ?    ? A DG  2 N1    ? ? ? 1_555 B 5CM 5 N3 ? ? A DG  2  B 5CM 11 1_555 ? ? ? ? ? ? WATSON-CRICK ?     ? ? 
hydrog5  hydrog ?    ? A DG  2 N2    ? ? ? 1_555 B 5CM 5 O2 ? ? A DG  2  B 5CM 11 1_555 ? ? ? ? ? ? WATSON-CRICK ?     ? ? 
hydrog6  hydrog ?    ? A DG  2 O6    ? ? ? 1_555 B 5CM 5 N4 ? ? A DG  2  B 5CM 11 1_555 ? ? ? ? ? ? WATSON-CRICK ?     ? ? 
hydrog7  hydrog ?    ? A DT  3 N3    ? ? ? 1_555 B AS  4 N1 ? ? A DT  3  B AS  10 1_555 ? ? ? ? ? ? WATSON-CRICK ?     ? ? 
hydrog8  hydrog ?    ? A DT  3 O4    ? ? ? 1_555 B AS  4 N6 ? ? A DT  3  B AS  10 1_555 ? ? ? ? ? ? WATSON-CRICK ?     ? ? 
hydrog9  hydrog ?    ? A AS  4 N1    ? ? ? 1_555 B DT  3 N3 ? ? A AS  4  B DT  9  1_555 ? ? ? ? ? ? WATSON-CRICK ?     ? ? 
hydrog10 hydrog ?    ? A AS  4 N6    ? ? ? 1_555 B DT  3 O4 ? ? A AS  4  B DT  9  1_555 ? ? ? ? ? ? WATSON-CRICK ?     ? ? 
hydrog11 hydrog ?    ? A 5CM 5 N3    ? ? ? 1_555 B DG  2 N1 ? ? A 5CM 5  B DG  8  1_555 ? ? ? ? ? ? WATSON-CRICK ?     ? ? 
hydrog12 hydrog ?    ? A 5CM 5 N4    ? ? ? 1_555 B DG  2 O6 ? ? A 5CM 5  B DG  8  1_555 ? ? ? ? ? ? WATSON-CRICK ?     ? ? 
hydrog13 hydrog ?    ? A 5CM 5 O2    ? ? ? 1_555 B DG  2 N2 ? ? A 5CM 5  B DG  8  1_555 ? ? ? ? ? ? WATSON-CRICK ?     ? ? 
hydrog14 hydrog ?    ? A DG  6 N1    ? ? ? 1_555 B 5CM 1 N3 ? ? A DG  6  B 5CM 7  1_555 ? ? ? ? ? ? WATSON-CRICK ?     ? ? 
hydrog15 hydrog ?    ? A DG  6 N2    ? ? ? 1_555 B 5CM 1 O2 ? ? A DG  6  B 5CM 7  1_555 ? ? ? ? ? ? WATSON-CRICK ?     ? ? 
hydrog16 hydrog ?    ? A DG  6 O6    ? ? ? 1_555 B 5CM 1 N4 ? ? A DG  6  B 5CM 7  1_555 ? ? ? ? ? ? WATSON-CRICK ?     ? ? 
# 
loop_
_struct_conn_type.id 
_struct_conn_type.criteria 
_struct_conn_type.reference 
covale ? ? 
hydrog ? ? 
# 
loop_
_struct_site.id 
_struct_site.pdbx_evidence_code 
_struct_site.pdbx_auth_asym_id 
_struct_site.pdbx_auth_comp_id 
_struct_site.pdbx_auth_seq_id 
_struct_site.pdbx_auth_ins_code 
_struct_site.pdbx_num_residues 
_struct_site.details 
AC1 Software A NGM 14 ? 12 'BINDING SITE FOR RESIDUE NGM A 14' 
AC2 Software B NGM 13 ? 11 'BINDING SITE FOR RESIDUE NGM B 13' 
1   ?        ? ?   ?  ? ?  ?                                   
# 
loop_
_struct_site_gen.id 
_struct_site_gen.site_id 
_struct_site_gen.pdbx_num_res 
_struct_site_gen.label_comp_id 
_struct_site_gen.label_asym_id 
_struct_site_gen.label_seq_id 
_struct_site_gen.pdbx_auth_ins_code 
_struct_site_gen.auth_comp_id 
_struct_site_gen.auth_asym_id 
_struct_site_gen.auth_seq_id 
_struct_site_gen.label_atom_id 
_struct_site_gen.label_alt_id 
_struct_site_gen.symmetry 
_struct_site_gen.details 
1  AC1 12 5CM A 1 ? 5CM A 1  . ? 1_555 ? 
2  AC1 12 DG  A 2 ? DG  A 2  . ? 1_555 ? 
3  AC1 12 DT  A 3 ? DT  A 3  . ? 1_555 ? 
4  AC1 12 AS  A 4 ? AS  A 4  . ? 5_554 ? 
5  AC1 12 AS  A 4 ? AS  A 4  . ? 1_555 ? 
6  AC1 12 HOH E . ? HOH A 40 . ? 1_555 ? 
7  AC1 12 HOH E . ? HOH A 58 . ? 1_555 ? 
8  AC1 12 DG  B 2 ? DG  B 8  . ? 6_665 ? 
9  AC1 12 AS  B 4 ? AS  B 10 . ? 1_555 ? 
10 AC1 12 5CM B 5 ? 5CM B 11 . ? 1_555 ? 
11 AC1 12 DG  B 6 ? DG  B 12 . ? 1_555 ? 
12 AC1 12 HOH F . ? HOH B 59 . ? 1_555 ? 
13 AC2 11 5CM A 5 ? 5CM A 5  . ? 1_555 ? 
14 AC2 11 DG  A 6 ? DG  A 6  . ? 1_555 ? 
15 AC2 11 HOH E . ? HOH A 35 . ? 1_555 ? 
16 AC2 11 HOH E . ? HOH A 52 . ? 1_445 ? 
17 AC2 11 5CM B 1 ? 5CM B 7  . ? 1_555 ? 
18 AC2 11 DG  B 2 ? DG  B 8  . ? 1_555 ? 
19 AC2 11 DT  B 3 ? DT  B 9  . ? 6_555 ? 
20 AC2 11 DT  B 3 ? DT  B 9  . ? 1_555 ? 
21 AC2 11 AS  B 4 ? AS  B 10 . ? 1_555 ? 
22 AC2 11 HOH F . ? HOH B 56 . ? 1_455 ? 
23 AC2 11 HOH F . ? HOH B 75 . ? 1_555 ? 
# 
_pdbx_validate_symm_contact.id                1 
_pdbx_validate_symm_contact.PDB_model_num     1 
_pdbx_validate_symm_contact.auth_atom_id_1    C24 
_pdbx_validate_symm_contact.auth_asym_id_1    B 
_pdbx_validate_symm_contact.auth_comp_id_1    NGM 
_pdbx_validate_symm_contact.auth_seq_id_1     13 
_pdbx_validate_symm_contact.PDB_ins_code_1    ? 
_pdbx_validate_symm_contact.label_alt_id_1    ? 
_pdbx_validate_symm_contact.site_symmetry_1   1_555 
_pdbx_validate_symm_contact.auth_atom_id_2    O 
_pdbx_validate_symm_contact.auth_asym_id_2    A 
_pdbx_validate_symm_contact.auth_comp_id_2    HOH 
_pdbx_validate_symm_contact.auth_seq_id_2     52 
_pdbx_validate_symm_contact.PDB_ins_code_2    ? 
_pdbx_validate_symm_contact.label_alt_id_2    ? 
_pdbx_validate_symm_contact.site_symmetry_2   1_445 
_pdbx_validate_symm_contact.dist              1.99 
# 
loop_
_pdbx_validate_rmsd_bond.id 
_pdbx_validate_rmsd_bond.PDB_model_num 
_pdbx_validate_rmsd_bond.auth_atom_id_1 
_pdbx_validate_rmsd_bond.auth_asym_id_1 
_pdbx_validate_rmsd_bond.auth_comp_id_1 
_pdbx_validate_rmsd_bond.auth_seq_id_1 
_pdbx_validate_rmsd_bond.PDB_ins_code_1 
_pdbx_validate_rmsd_bond.label_alt_id_1 
_pdbx_validate_rmsd_bond.auth_atom_id_2 
_pdbx_validate_rmsd_bond.auth_asym_id_2 
_pdbx_validate_rmsd_bond.auth_comp_id_2 
_pdbx_validate_rmsd_bond.auth_seq_id_2 
_pdbx_validate_rmsd_bond.PDB_ins_code_2 
_pdbx_validate_rmsd_bond.label_alt_id_2 
_pdbx_validate_rmsd_bond.bond_value 
_pdbx_validate_rmsd_bond.bond_target_value 
_pdbx_validate_rmsd_bond.bond_deviation 
_pdbx_validate_rmsd_bond.bond_standard_deviation 
_pdbx_validate_rmsd_bond.linker_flag 
1  1 "C5'" A DG 2  ? ? "C4'" A DG  2  ? ? 1.559 1.512 0.047  0.007 N 
2  1 "O4'" A DG 2  ? ? "C1'" A DG  2  ? ? 1.538 1.420 0.118  0.011 N 
3  1 C6    A DG 2  ? ? N1    A DG  2  ? ? 1.344 1.391 -0.047 0.007 N 
4  1 "O3'" A DG 2  ? ? P     A DT  3  ? ? 1.685 1.607 0.078  0.012 Y 
5  1 "O4'" A DT 3  ? ? "C1'" A DT  3  ? ? 1.524 1.420 0.104  0.011 N 
6  1 C4    A DT 3  ? ? O4    A DT  3  ? ? 1.282 1.228 0.054  0.009 N 
7  1 "O3'" A AS 4  ? ? P     A 5CM 5  ? ? 1.743 1.607 0.136  0.012 Y 
8  1 P     A DG 6  ? ? OP2   A DG  6  ? ? 1.607 1.485 0.122  0.017 N 
9  1 "O5'" A DG 6  ? ? "C5'" A DG  6  ? ? 1.543 1.440 0.103  0.016 N 
10 1 "O4'" B DT 9  ? ? "C1'" B DT  9  ? ? 1.508 1.420 0.088  0.011 N 
11 1 "O3'" B DT 9  ? ? "C3'" B DT  9  ? ? 1.381 1.419 -0.038 0.006 N 
12 1 C2    B DT 9  ? ? N3    B DT  9  ? ? 1.316 1.373 -0.057 0.008 N 
13 1 C4    B DT 9  ? ? C5    B DT  9  ? ? 1.385 1.445 -0.060 0.009 N 
14 1 C4    B DT 9  ? ? O4    B DT  9  ? ? 1.286 1.228 0.058  0.009 N 
15 1 "O3'" B DT 9  ? ? P     B AS  10 ? ? 1.487 1.607 -0.120 0.012 Y 
16 1 P     B DG 12 ? ? "O5'" B DG  12 ? ? 1.708 1.593 0.115  0.010 N 
17 1 "O4'" B DG 12 ? ? "C1'" B DG  12 ? ? 1.590 1.420 0.170  0.011 N 
# 
loop_
_pdbx_validate_rmsd_angle.id 
_pdbx_validate_rmsd_angle.PDB_model_num 
_pdbx_validate_rmsd_angle.auth_atom_id_1 
_pdbx_validate_rmsd_angle.auth_asym_id_1 
_pdbx_validate_rmsd_angle.auth_comp_id_1 
_pdbx_validate_rmsd_angle.auth_seq_id_1 
_pdbx_validate_rmsd_angle.PDB_ins_code_1 
_pdbx_validate_rmsd_angle.label_alt_id_1 
_pdbx_validate_rmsd_angle.auth_atom_id_2 
_pdbx_validate_rmsd_angle.auth_asym_id_2 
_pdbx_validate_rmsd_angle.auth_comp_id_2 
_pdbx_validate_rmsd_angle.auth_seq_id_2 
_pdbx_validate_rmsd_angle.PDB_ins_code_2 
_pdbx_validate_rmsd_angle.label_alt_id_2 
_pdbx_validate_rmsd_angle.auth_atom_id_3 
_pdbx_validate_rmsd_angle.auth_asym_id_3 
_pdbx_validate_rmsd_angle.auth_comp_id_3 
_pdbx_validate_rmsd_angle.auth_seq_id_3 
_pdbx_validate_rmsd_angle.PDB_ins_code_3 
_pdbx_validate_rmsd_angle.label_alt_id_3 
_pdbx_validate_rmsd_angle.angle_value 
_pdbx_validate_rmsd_angle.angle_target_value 
_pdbx_validate_rmsd_angle.angle_deviation 
_pdbx_validate_rmsd_angle.angle_standard_deviation 
_pdbx_validate_rmsd_angle.linker_flag 
1  1 "C3'" A 5CM 1  ? ? "O3'" A 5CM 1  ? ? P     A DG 2  ? ? 130.00 119.70 10.30  1.20 Y 
2  1 "O3'" A 5CM 1  ? ? P     A DG  2  ? ? "O5'" A DG 2  ? ? 89.31  104.00 -14.69 1.90 Y 
3  1 "O5'" A DG  2  ? ? P     A DG  2  ? ? OP2   A DG 2  ? ? 126.38 110.70 15.68  1.20 N 
4  1 "O5'" A DG  2  ? ? "C5'" A DG  2  ? ? "C4'" A DG 2  ? ? 97.73  109.40 -11.67 0.80 N 
5  1 P     A DG  2  ? ? "O5'" A DG  2  ? ? "C5'" A DG 2  ? ? 160.30 120.90 39.40  1.60 N 
6  1 "C1'" A DG  2  ? ? "O4'" A DG  2  ? ? "C4'" A DG 2  ? ? 100.26 110.10 -9.84  1.00 N 
7  1 "C3'" A DG  2  ? ? "C2'" A DG  2  ? ? "C1'" A DG 2  ? ? 91.78  102.40 -10.62 0.80 N 
8  1 "O4'" A DG  2  ? ? "C1'" A DG  2  ? ? "C2'" A DG 2  ? ? 93.39  105.90 -12.51 0.80 N 
9  1 C6    A DG  2  ? ? N1    A DG  2  ? ? C2    A DG 2  ? ? 120.22 125.10 -4.88  0.60 N 
10 1 N1    A DG  2  ? ? C2    A DG  2  ? ? N3    A DG 2  ? ? 128.68 123.90 4.78   0.60 N 
11 1 N3    A DG  2  ? ? C4    A DG  2  ? ? C5    A DG 2  ? ? 124.52 128.60 -4.08  0.50 N 
12 1 N3    A DG  2  ? ? C4    A DG  2  ? ? N9    A DG 2  ? ? 130.71 126.00 4.71   0.60 N 
13 1 N1    A DG  2  ? ? C6    A DG  2  ? ? O6    A DG 2  ? ? 125.13 119.90 5.23   0.60 N 
14 1 C5    A DG  2  ? ? C6    A DG  2  ? ? O6    A DG 2  ? ? 121.18 128.60 -7.42  0.60 N 
15 1 "C3'" A DG  2  ? ? "O3'" A DG  2  ? ? P     A DT 3  ? ? 134.13 119.70 14.43  1.20 Y 
16 1 "O5'" A DT  3  ? ? P     A DT  3  ? ? OP2   A DT 3  ? ? 119.88 110.70 9.18   1.20 N 
17 1 "O5'" A DT  3  ? ? "C5'" A DT  3  ? ? "C4'" A DT 3  ? ? 102.20 109.40 -7.20  0.80 N 
18 1 P     A DT  3  ? ? "O5'" A DT  3  ? ? "C5'" A DT 3  ? ? 139.51 120.90 18.61  1.60 N 
19 1 "C5'" A DT  3  ? ? "C4'" A DT  3  ? ? "O4'" A DT 3  ? ? 116.77 109.80 6.97   1.10 N 
20 1 "C1'" A DT  3  ? ? "O4'" A DT  3  ? ? "C4'" A DT 3  ? ? 101.69 110.10 -8.41  1.00 N 
21 1 "O4'" A DT  3  ? ? "C1'" A DT  3  ? ? "C2'" A DT 3  ? ? 94.04  105.90 -11.86 0.80 N 
22 1 "O4'" A DT  3  ? ? "C1'" A DT  3  ? ? N1    A DT 3  ? ? 102.72 108.00 -5.28  0.70 N 
23 1 N1    A DT  3  ? ? C2    A DT  3  ? ? N3    A DT 3  ? ? 118.29 114.60 3.69   0.60 N 
24 1 C2    A DT  3  ? ? N3    A DT  3  ? ? C4    A DT 3  ? ? 121.71 127.20 -5.49  0.60 N 
25 1 N3    A DT  3  ? ? C4    A DT  3  ? ? O4    A DT 3  ? ? 115.81 119.90 -4.09  0.60 N 
26 1 C4    A DT  3  ? ? C5    A DT  3  ? ? C7    A DT 3  ? ? 124.84 119.00 5.84   0.60 N 
27 1 C6    A DT  3  ? ? C5    A DT  3  ? ? C7    A DT 3  ? ? 115.76 122.90 -7.14  0.60 N 
28 1 "C3'" A DT  3  ? ? "O3'" A DT  3  ? ? P     A AS 4  ? ? 134.51 119.70 14.81  1.20 Y 
29 1 "C3'" A 5CM 5  ? ? "O3'" A 5CM 5  ? ? P     A DG 6  ? ? 143.09 119.70 23.39  1.20 Y 
30 1 "O3'" A 5CM 5  ? ? P     A DG  6  ? ? OP2   A DG 6  ? ? 86.50  105.20 -18.70 2.20 Y 
31 1 "O3'" A 5CM 5  ? ? P     A DG  6  ? ? OP1   A DG 6  ? ? 120.20 110.50 9.70   1.10 Y 
32 1 P     A DG  6  ? ? "O5'" A DG  6  ? ? "C5'" A DG 6  ? ? 102.45 120.90 -18.45 1.60 N 
33 1 "C1'" A DG  6  ? ? "O4'" A DG  6  ? ? "C4'" A DG 6  ? ? 115.14 110.30 4.84   0.70 N 
34 1 "O4'" A DG  6  ? ? "C1'" A DG  6  ? ? N9    A DG 6  ? ? 110.34 108.30 2.04   0.30 N 
35 1 C6    A DG  6  ? ? N1    A DG  6  ? ? C2    A DG 6  ? ? 119.77 125.10 -5.33  0.60 N 
36 1 C5    A DG  6  ? ? C6    A DG  6  ? ? N1    A DG 6  ? ? 116.77 111.50 5.27   0.50 N 
37 1 C4    A DG  6  ? ? C5    A DG  6  ? ? N7    A DG 6  ? ? 108.18 110.80 -2.62  0.40 N 
38 1 C6    A DG  6  ? ? C5    A DG  6  ? ? N7    A DG 6  ? ? 134.72 130.40 4.32   0.60 N 
39 1 N1    A DG  6  ? ? C2    A DG  6  ? ? N2    A DG 6  ? ? 122.85 116.20 6.65   0.90 N 
40 1 N3    A DG  6  ? ? C2    A DG  6  ? ? N2    A DG 6  ? ? 110.38 119.90 -9.52  0.70 N 
41 1 C5    A DG  6  ? ? C6    A DG  6  ? ? O6    A DG 6  ? ? 123.91 128.60 -4.69  0.60 N 
42 1 "O5'" B DG  8  ? ? P     B DG  8  ? ? OP1   B DG 8  ? ? 98.19  105.70 -7.51  0.90 N 
43 1 "O5'" B DG  8  ? ? "C5'" B DG  8  ? ? "C4'" B DG 8  ? ? 102.71 109.40 -6.69  0.80 N 
44 1 P     B DG  8  ? ? "O5'" B DG  8  ? ? "C5'" B DG 8  ? ? 107.72 120.90 -13.18 1.60 N 
45 1 "O4'" B DG  8  ? ? "C4'" B DG  8  ? ? "C3'" B DG 8  ? ? 110.16 106.00 4.16   0.60 N 
46 1 "O4'" B DG  8  ? ? "C1'" B DG  8  ? ? N9    B DG 8  ? ? 110.57 108.30 2.27   0.30 N 
47 1 "C3'" B DG  8  ? ? "O3'" B DG  8  ? ? P     B DT 9  ? ? 127.34 119.70 7.64   1.20 Y 
48 1 "O5'" B DT  9  ? ? P     B DT  9  ? ? OP2   B DT 9  ? ? 126.57 110.70 15.87  1.20 N 
49 1 "C5'" B DT  9  ? ? "C4'" B DT  9  ? ? "O4'" B DT 9  ? ? 117.53 109.80 7.73   1.10 N 
50 1 "C4'" B DT  9  ? ? "C3'" B DT  9  ? ? "C2'" B DT 9  ? ? 108.89 103.10 5.79   0.90 N 
51 1 C6    B DT  9  ? ? N1    B DT  9  ? ? C2    B DT 9  ? ? 116.93 121.30 -4.37  0.50 N 
52 1 N1    B DT  9  ? ? C2    B DT  9  ? ? N3    B DT 9  ? ? 118.59 114.60 3.99   0.60 N 
53 1 C6    B DT  9  ? ? C5    B DT  9  ? ? C7    B DT 9  ? ? 119.28 122.90 -3.62  0.60 N 
54 1 "C3'" B DT  9  ? ? "O3'" B DT  9  ? ? P     B AS 10 ? ? 135.12 119.70 15.42  1.20 Y 
55 1 "O3'" B 5CM 11 ? ? P     B DG  12 ? ? OP1   B DG 12 ? ? 118.64 110.50 8.14   1.10 Y 
56 1 OP1   B DG  12 ? ? P     B DG  12 ? ? OP2   B DG 12 ? ? 95.98  119.60 -23.62 1.50 N 
57 1 "O5'" B DG  12 ? ? P     B DG  12 ? ? OP1   B DG 12 ? ? 126.07 110.70 15.37  1.20 N 
58 1 "O5'" B DG  12 ? ? "C5'" B DG  12 ? ? "C4'" B DG 12 ? ? 102.92 109.40 -6.48  0.80 N 
59 1 "O4'" B DG  12 ? ? "C1'" B DG  12 ? ? "C2'" B DG 12 ? ? 96.30  105.90 -9.60  0.80 N 
60 1 "O4'" B DG  12 ? ? "C1'" B DG  12 ? ? N9    B DG 12 ? ? 99.35  108.00 -8.65  0.70 N 
61 1 N1    B DG  12 ? ? C2    B DG  12 ? ? N3    B DG 12 ? ? 128.59 123.90 4.69   0.60 N 
62 1 C2    B DG  12 ? ? N3    B DG  12 ? ? C4    B DG 12 ? ? 108.77 111.90 -3.13  0.50 N 
# 
loop_
_pdbx_struct_mod_residue.id 
_pdbx_struct_mod_residue.label_asym_id 
_pdbx_struct_mod_residue.label_comp_id 
_pdbx_struct_mod_residue.label_seq_id 
_pdbx_struct_mod_residue.auth_asym_id 
_pdbx_struct_mod_residue.auth_comp_id 
_pdbx_struct_mod_residue.auth_seq_id 
_pdbx_struct_mod_residue.PDB_ins_code 
_pdbx_struct_mod_residue.parent_comp_id 
_pdbx_struct_mod_residue.details 
1 A 5CM 1 A 5CM 1  ? DC ? 
2 A AS  4 A AS  4  ? DA ? 
3 A 5CM 5 A 5CM 5  ? DC ? 
4 B 5CM 1 B 5CM 7  ? DC ? 
5 B AS  4 B AS  10 ? DA ? 
6 B 5CM 5 B 5CM 11 ? DC ? 
# 
_struct_site_keywords.site_id   1 
_struct_site_keywords.text      INTERCALATION 
# 
loop_
_refine_B_iso.class 
_refine_B_iso.details 
_refine_B_iso.treatment 
_refine_B_iso.pdbx_refine_id 
'ALL ATOMS'  TR isotropic 'X-RAY DIFFRACTION' 
'ALL WATERS' TR isotropic 'X-RAY DIFFRACTION' 
# 
loop_
_refine_occupancy.class 
_refine_occupancy.treatment 
_refine_occupancy.pdbx_refine_id 
'ALL ATOMS'  fix 'X-RAY DIFFRACTION' 
'ALL WATERS' fix 'X-RAY DIFFRACTION' 
# 
loop_
_chem_comp_atom.comp_id 
_chem_comp_atom.atom_id 
_chem_comp_atom.type_symbol 
_chem_comp_atom.pdbx_aromatic_flag 
_chem_comp_atom.pdbx_stereo_config 
_chem_comp_atom.pdbx_ordinal 
5CM N1     N N N 1   
5CM C2     C N N 2   
5CM N3     N N N 3   
5CM C4     C N N 4   
5CM C5     C N N 5   
5CM C5A    C N N 6   
5CM C6     C N N 7   
5CM O2     O N N 8   
5CM N4     N N N 9   
5CM "C1'"  C N R 10  
5CM "C2'"  C N N 11  
5CM "C3'"  C N S 12  
5CM "C4'"  C N R 13  
5CM "O4'"  O N N 14  
5CM "O3'"  O N N 15  
5CM "C5'"  C N N 16  
5CM "O5'"  O N N 17  
5CM P      P N N 18  
5CM OP1    O N N 19  
5CM OP2    O N N 20  
5CM OP3    O N N 21  
5CM H5A1   H N N 22  
5CM H5A2   H N N 23  
5CM H5A3   H N N 24  
5CM H6     H N N 25  
5CM HN41   H N N 26  
5CM HN42   H N N 27  
5CM "H1'"  H N N 28  
5CM "H2'"  H N N 29  
5CM "H2''" H N N 30  
5CM "H3'"  H N N 31  
5CM "H4'"  H N N 32  
5CM "HO3'" H N N 33  
5CM "H5'"  H N N 34  
5CM "H5''" H N N 35  
5CM HOP2   H N N 36  
5CM HOP3   H N N 37  
AS  P      P N N 38  
AS  OP1    O N N 39  
AS  S2P    S N N 40  
AS  OP3    O N N 41  
AS  "O5'"  O N N 42  
AS  "C5'"  C N N 43  
AS  "C4'"  C N R 44  
AS  "O4'"  O N N 45  
AS  "C3'"  C N S 46  
AS  "O3'"  O N N 47  
AS  "C2'"  C N N 48  
AS  "C1'"  C N R 49  
AS  N9     N Y N 50  
AS  C8     C Y N 51  
AS  N7     N Y N 52  
AS  C5     C Y N 53  
AS  C6     C Y N 54  
AS  N6     N N N 55  
AS  N1     N Y N 56  
AS  C2     C Y N 57  
AS  N3     N Y N 58  
AS  C4     C Y N 59  
AS  HOP1   H N N 60  
AS  HOP3   H N N 61  
AS  "H5'"  H N N 62  
AS  "H5''" H N N 63  
AS  "H4'"  H N N 64  
AS  "H3'"  H N N 65  
AS  "HO3'" H N N 66  
AS  "H2'"  H N N 67  
AS  "H2''" H N N 68  
AS  "H1'"  H N N 69  
AS  H8     H N N 70  
AS  HN61   H N N 71  
AS  HN62   H N N 72  
AS  H2     H N N 73  
DG  OP3    O N N 74  
DG  P      P N N 75  
DG  OP1    O N N 76  
DG  OP2    O N N 77  
DG  "O5'"  O N N 78  
DG  "C5'"  C N N 79  
DG  "C4'"  C N R 80  
DG  "O4'"  O N N 81  
DG  "C3'"  C N S 82  
DG  "O3'"  O N N 83  
DG  "C2'"  C N N 84  
DG  "C1'"  C N R 85  
DG  N9     N Y N 86  
DG  C8     C Y N 87  
DG  N7     N Y N 88  
DG  C5     C Y N 89  
DG  C6     C N N 90  
DG  O6     O N N 91  
DG  N1     N N N 92  
DG  C2     C N N 93  
DG  N2     N N N 94  
DG  N3     N N N 95  
DG  C4     C Y N 96  
DG  HOP3   H N N 97  
DG  HOP2   H N N 98  
DG  "H5'"  H N N 99  
DG  "H5''" H N N 100 
DG  "H4'"  H N N 101 
DG  "H3'"  H N N 102 
DG  "HO3'" H N N 103 
DG  "H2'"  H N N 104 
DG  "H2''" H N N 105 
DG  "H1'"  H N N 106 
DG  H8     H N N 107 
DG  H1     H N N 108 
DG  H21    H N N 109 
DG  H22    H N N 110 
DT  OP3    O N N 111 
DT  P      P N N 112 
DT  OP1    O N N 113 
DT  OP2    O N N 114 
DT  "O5'"  O N N 115 
DT  "C5'"  C N N 116 
DT  "C4'"  C N R 117 
DT  "O4'"  O N N 118 
DT  "C3'"  C N S 119 
DT  "O3'"  O N N 120 
DT  "C2'"  C N N 121 
DT  "C1'"  C N R 122 
DT  N1     N N N 123 
DT  C2     C N N 124 
DT  O2     O N N 125 
DT  N3     N N N 126 
DT  C4     C N N 127 
DT  O4     O N N 128 
DT  C5     C N N 129 
DT  C7     C N N 130 
DT  C6     C N N 131 
DT  HOP3   H N N 132 
DT  HOP2   H N N 133 
DT  "H5'"  H N N 134 
DT  "H5''" H N N 135 
DT  "H4'"  H N N 136 
DT  "H3'"  H N N 137 
DT  "HO3'" H N N 138 
DT  "H2'"  H N N 139 
DT  "H2''" H N N 140 
DT  "H1'"  H N N 141 
DT  H3     H N N 142 
DT  H71    H N N 143 
DT  H72    H N N 144 
DT  H73    H N N 145 
DT  H6     H N N 146 
HOH O      O N N 147 
HOH H1     H N N 148 
HOH H2     H N N 149 
NGM C1     C Y N 150 
NGM C2     C Y N 151 
NGM C3     C Y N 152 
NGM C4     C Y N 153 
NGM C5     C N N 154 
NGM C6     C Y N 155 
NGM C7     C N S 156 
NGM C8     C N N 157 
NGM C9     C N S 158 
NGM C10    C N R 159 
NGM C11    C Y N 160 
NGM C12    C N N 161 
NGM C13    C N N 162 
NGM C14    C N N 163 
NGM C15    C N N 164 
NGM C16    C Y N 165 
NGM C17    C Y N 166 
NGM C18    C Y N 167 
NGM C19    C Y N 168 
NGM C20    C Y N 169 
NGM C21    C Y N 170 
NGM C22    C N N 171 
NGM C23    C N N 172 
NGM C24    C N N 173 
NGM C25    C N N 174 
NGM C26    C N N 175 
NGM C27    C N N 176 
NGM C28    C N N 177 
NGM C29    C N N 178 
NGM C30    C N S 179 
NGM C31    C N S 180 
NGM C32    C N R 181 
NGM C33    C N R 182 
NGM C34    C N R 183 
NGM "C1'"  C N R 184 
NGM "C2'"  C N R 185 
NGM "C3'"  C N R 186 
NGM "C4'"  C N S 187 
NGM "C5'"  C N S 188 
NGM N1     N N N 189 
NGM O1     O N N 190 
NGM O2     O N N 191 
NGM O4     O N N 192 
NGM O5     O N N 193 
NGM O6     O N N 194 
NGM O7     O N N 195 
NGM O9     O N N 196 
NGM O10    O N N 197 
NGM O14    O N N 198 
NGM O12    O N N 199 
NGM O15    O N N 200 
NGM O16    O N N 201 
NGM "O1'"  O N N 202 
NGM "O2'"  O N N 203 
NGM "O3'"  O N N 204 
NGM "O4'"  O N N 205 
NGM H3     H N N 206 
NGM H7     H N N 207 
NGM H81    H N N 208 
NGM H82    H N N 209 
NGM H10    H N N 210 
NGM H11    H N N 211 
NGM H131   H N N 212 
NGM H132   H N N 213 
NGM H133   H N N 214 
NGM H151   H N N 215 
NGM H152   H N N 216 
NGM H153   H N N 217 
NGM H221   H N N 218 
NGM H222   H N N 219 
NGM H223   H N N 220 
NGM H231   H N N 221 
NGM H232   H N N 222 
NGM H233   H N N 223 
NGM H241   H N N 224 
NGM H242   H N N 225 
NGM H243   H N N 226 
NGM H251   H N N 227 
NGM H252   H N N 228 
NGM H253   H N N 229 
NGM H261   H N N 230 
NGM H262   H N N 231 
NGM H263   H N N 232 
NGM H271   H N N 233 
NGM H272   H N N 234 
NGM H273   H N N 235 
NGM H281   H N N 236 
NGM H282   H N N 237 
NGM H283   H N N 238 
NGM H291   H N N 239 
NGM H292   H N N 240 
NGM H293   H N N 241 
NGM H30    H N N 242 
NGM H31    H N N 243 
NGM H32    H N N 244 
NGM H33    H N N 245 
NGM "H1'"  H N N 246 
NGM "H2'"  H N N 247 
NGM "H4'"  H N N 248 
NGM "H5'"  H N N 249 
NGM HO4    H N N 250 
NGM HO6    H N N 251 
NGM HO9    H N N 252 
NGM H15    H N N 253 
NGM H16    H N N 254 
# 
loop_
_chem_comp_bond.comp_id 
_chem_comp_bond.atom_id_1 
_chem_comp_bond.atom_id_2 
_chem_comp_bond.value_order 
_chem_comp_bond.pdbx_aromatic_flag 
_chem_comp_bond.pdbx_stereo_config 
_chem_comp_bond.pdbx_ordinal 
5CM N1    C2     sing N N 1   
5CM N1    C6     sing N N 2   
5CM N1    "C1'"  sing N N 3   
5CM C2    N3     sing N N 4   
5CM C2    O2     doub N N 5   
5CM N3    C4     doub N N 6   
5CM C4    C5     sing N N 7   
5CM C4    N4     sing N N 8   
5CM C5    C5A    sing N N 9   
5CM C5    C6     doub N N 10  
5CM C5A   H5A1   sing N N 11  
5CM C5A   H5A2   sing N N 12  
5CM C5A   H5A3   sing N N 13  
5CM C6    H6     sing N N 14  
5CM N4    HN41   sing N N 15  
5CM N4    HN42   sing N N 16  
5CM "C1'" "C2'"  sing N N 17  
5CM "C1'" "O4'"  sing N N 18  
5CM "C1'" "H1'"  sing N N 19  
5CM "C2'" "C3'"  sing N N 20  
5CM "C2'" "H2'"  sing N N 21  
5CM "C2'" "H2''" sing N N 22  
5CM "C3'" "C4'"  sing N N 23  
5CM "C3'" "O3'"  sing N N 24  
5CM "C3'" "H3'"  sing N N 25  
5CM "C4'" "O4'"  sing N N 26  
5CM "C4'" "C5'"  sing N N 27  
5CM "C4'" "H4'"  sing N N 28  
5CM "O3'" "HO3'" sing N N 29  
5CM "C5'" "O5'"  sing N N 30  
5CM "C5'" "H5'"  sing N N 31  
5CM "C5'" "H5''" sing N N 32  
5CM "O5'" P      sing N N 33  
5CM P     OP1    doub N N 34  
5CM P     OP2    sing N N 35  
5CM P     OP3    sing N N 36  
5CM OP2   HOP2   sing N N 37  
5CM OP3   HOP3   sing N N 38  
AS  P     OP1    sing N N 39  
AS  P     S2P    doub N N 40  
AS  P     OP3    sing N N 41  
AS  P     "O5'"  sing N N 42  
AS  OP1   HOP1   sing N N 43  
AS  OP3   HOP3   sing N N 44  
AS  "O5'" "C5'"  sing N N 45  
AS  "C5'" "C4'"  sing N N 46  
AS  "C5'" "H5'"  sing N N 47  
AS  "C5'" "H5''" sing N N 48  
AS  "C4'" "O4'"  sing N N 49  
AS  "C4'" "C3'"  sing N N 50  
AS  "C4'" "H4'"  sing N N 51  
AS  "O4'" "C1'"  sing N N 52  
AS  "C3'" "O3'"  sing N N 53  
AS  "C3'" "C2'"  sing N N 54  
AS  "C3'" "H3'"  sing N N 55  
AS  "O3'" "HO3'" sing N N 56  
AS  "C2'" "C1'"  sing N N 57  
AS  "C2'" "H2'"  sing N N 58  
AS  "C2'" "H2''" sing N N 59  
AS  "C1'" N9     sing N N 60  
AS  "C1'" "H1'"  sing N N 61  
AS  N9    C8     sing Y N 62  
AS  N9    C4     sing Y N 63  
AS  C8    N7     doub Y N 64  
AS  C8    H8     sing N N 65  
AS  N7    C5     sing Y N 66  
AS  C5    C6     sing Y N 67  
AS  C5    C4     doub Y N 68  
AS  C6    N6     sing N N 69  
AS  C6    N1     doub Y N 70  
AS  N6    HN61   sing N N 71  
AS  N6    HN62   sing N N 72  
AS  N1    C2     sing Y N 73  
AS  C2    N3     doub Y N 74  
AS  C2    H2     sing N N 75  
AS  N3    C4     sing Y N 76  
DG  OP3   P      sing N N 77  
DG  OP3   HOP3   sing N N 78  
DG  P     OP1    doub N N 79  
DG  P     OP2    sing N N 80  
DG  P     "O5'"  sing N N 81  
DG  OP2   HOP2   sing N N 82  
DG  "O5'" "C5'"  sing N N 83  
DG  "C5'" "C4'"  sing N N 84  
DG  "C5'" "H5'"  sing N N 85  
DG  "C5'" "H5''" sing N N 86  
DG  "C4'" "O4'"  sing N N 87  
DG  "C4'" "C3'"  sing N N 88  
DG  "C4'" "H4'"  sing N N 89  
DG  "O4'" "C1'"  sing N N 90  
DG  "C3'" "O3'"  sing N N 91  
DG  "C3'" "C2'"  sing N N 92  
DG  "C3'" "H3'"  sing N N 93  
DG  "O3'" "HO3'" sing N N 94  
DG  "C2'" "C1'"  sing N N 95  
DG  "C2'" "H2'"  sing N N 96  
DG  "C2'" "H2''" sing N N 97  
DG  "C1'" N9     sing N N 98  
DG  "C1'" "H1'"  sing N N 99  
DG  N9    C8     sing Y N 100 
DG  N9    C4     sing Y N 101 
DG  C8    N7     doub Y N 102 
DG  C8    H8     sing N N 103 
DG  N7    C5     sing Y N 104 
DG  C5    C6     sing N N 105 
DG  C5    C4     doub Y N 106 
DG  C6    O6     doub N N 107 
DG  C6    N1     sing N N 108 
DG  N1    C2     sing N N 109 
DG  N1    H1     sing N N 110 
DG  C2    N2     sing N N 111 
DG  C2    N3     doub N N 112 
DG  N2    H21    sing N N 113 
DG  N2    H22    sing N N 114 
DG  N3    C4     sing N N 115 
DT  OP3   P      sing N N 116 
DT  OP3   HOP3   sing N N 117 
DT  P     OP1    doub N N 118 
DT  P     OP2    sing N N 119 
DT  P     "O5'"  sing N N 120 
DT  OP2   HOP2   sing N N 121 
DT  "O5'" "C5'"  sing N N 122 
DT  "C5'" "C4'"  sing N N 123 
DT  "C5'" "H5'"  sing N N 124 
DT  "C5'" "H5''" sing N N 125 
DT  "C4'" "O4'"  sing N N 126 
DT  "C4'" "C3'"  sing N N 127 
DT  "C4'" "H4'"  sing N N 128 
DT  "O4'" "C1'"  sing N N 129 
DT  "C3'" "O3'"  sing N N 130 
DT  "C3'" "C2'"  sing N N 131 
DT  "C3'" "H3'"  sing N N 132 
DT  "O3'" "HO3'" sing N N 133 
DT  "C2'" "C1'"  sing N N 134 
DT  "C2'" "H2'"  sing N N 135 
DT  "C2'" "H2''" sing N N 136 
DT  "C1'" N1     sing N N 137 
DT  "C1'" "H1'"  sing N N 138 
DT  N1    C2     sing N N 139 
DT  N1    C6     sing N N 140 
DT  C2    O2     doub N N 141 
DT  C2    N3     sing N N 142 
DT  N3    C4     sing N N 143 
DT  N3    H3     sing N N 144 
DT  C4    O4     doub N N 145 
DT  C4    C5     sing N N 146 
DT  C5    C7     sing N N 147 
DT  C5    C6     doub N N 148 
DT  C7    H71    sing N N 149 
DT  C7    H72    sing N N 150 
DT  C7    H73    sing N N 151 
DT  C6    H6     sing N N 152 
HOH O     H1     sing N N 153 
HOH O     H2     sing N N 154 
NGM C1    C2     doub Y N 155 
NGM C1    C16    sing Y N 156 
NGM C1    O1     sing N N 157 
NGM C2    C3     sing Y N 158 
NGM C2    C34    sing N N 159 
NGM C3    C4     doub Y N 160 
NGM C3    H3     sing N N 161 
NGM C4    C17    sing Y N 162 
NGM C4    O4     sing N N 163 
NGM C5    C17    sing N N 164 
NGM C5    C18    sing N N 165 
NGM C5    O5     doub N N 166 
NGM C6    C18    doub Y N 167 
NGM C6    C19    sing Y N 168 
NGM C6    O6     sing N N 169 
NGM C7    C8     sing N N 170 
NGM C7    C19    sing N N 171 
NGM C7    O7     sing N N 172 
NGM C7    H7     sing N N 173 
NGM C8    C9     sing N N 174 
NGM C8    H81    sing N N 175 
NGM C8    H82    sing N N 176 
NGM C9    C10    sing N N 177 
NGM C9    C13    sing N N 178 
NGM C9    O9     sing N N 179 
NGM C10   C14    sing N N 180 
NGM C10   C20    sing N N 181 
NGM C10   H10    sing N N 182 
NGM C11   C20    sing Y N 183 
NGM C11   C21    doub Y N 184 
NGM C11   H11    sing N N 185 
NGM C12   C16    sing N N 186 
NGM C12   C21    sing N N 187 
NGM C12   O12    doub N N 188 
NGM C13   H131   sing N N 189 
NGM C13   H132   sing N N 190 
NGM C13   H133   sing N N 191 
NGM C14   O10    sing N N 192 
NGM C14   O14    doub N N 193 
NGM C15   O10    sing N N 194 
NGM C15   H151   sing N N 195 
NGM C15   H152   sing N N 196 
NGM C15   H153   sing N N 197 
NGM C16   C17    doub Y N 198 
NGM C18   C21    sing Y N 199 
NGM C19   C20    doub Y N 200 
NGM C22   C34    sing N N 201 
NGM C22   H221   sing N N 202 
NGM C22   H222   sing N N 203 
NGM C22   H223   sing N N 204 
NGM C23   N1     sing N N 205 
NGM C23   H231   sing N N 206 
NGM C23   H232   sing N N 207 
NGM C23   H233   sing N N 208 
NGM C24   N1     sing N N 209 
NGM C24   H241   sing N N 210 
NGM C24   H242   sing N N 211 
NGM C24   H243   sing N N 212 
NGM C25   "C5'"  sing N N 213 
NGM C25   H251   sing N N 214 
NGM C25   H252   sing N N 215 
NGM C25   H253   sing N N 216 
NGM C26   "O4'"  sing N N 217 
NGM C26   H261   sing N N 218 
NGM C26   H262   sing N N 219 
NGM C26   H263   sing N N 220 
NGM C27   "O3'"  sing N N 221 
NGM C27   H271   sing N N 222 
NGM C27   H272   sing N N 223 
NGM C27   H273   sing N N 224 
NGM C28   "C3'"  sing N N 225 
NGM C28   H281   sing N N 226 
NGM C28   H282   sing N N 227 
NGM C28   H283   sing N N 228 
NGM C29   "O2'"  sing N N 229 
NGM C29   H291   sing N N 230 
NGM C29   H292   sing N N 231 
NGM C29   H293   sing N N 232 
NGM C30   C31    sing N N 233 
NGM C30   O1     sing N N 234 
NGM C30   O2     sing N N 235 
NGM C30   H30    sing N N 236 
NGM C31   C32    sing N N 237 
NGM C31   O15    sing N N 238 
NGM C31   H31    sing N N 239 
NGM C32   C33    sing N N 240 
NGM C32   N1     sing N N 241 
NGM C32   H32    sing N N 242 
NGM C33   C34    sing N N 243 
NGM C33   O16    sing N N 244 
NGM C33   H33    sing N N 245 
NGM C34   O2     sing N N 246 
NGM "C1'" "C2'"  sing N N 247 
NGM "C1'" O7     sing N N 248 
NGM "C1'" "O1'"  sing N N 249 
NGM "C1'" "H1'"  sing N N 250 
NGM "C2'" "C3'"  sing N N 251 
NGM "C2'" "O2'"  sing N N 252 
NGM "C2'" "H2'"  sing N N 253 
NGM "C3'" "C4'"  sing N N 254 
NGM "C3'" "O3'"  sing N N 255 
NGM "C4'" "C5'"  sing N N 256 
NGM "C4'" "O4'"  sing N N 257 
NGM "C4'" "H4'"  sing N N 258 
NGM "C5'" "O1'"  sing N N 259 
NGM "C5'" "H5'"  sing N N 260 
NGM O4    HO4    sing N N 261 
NGM O6    HO6    sing N N 262 
NGM O9    HO9    sing N N 263 
NGM O15   H15    sing N N 264 
NGM O16   H16    sing N N 265 
# 
loop_
_ndb_struct_conf_na.entry_id 
_ndb_struct_conf_na.feature 
1D21 'double helix'        
1D21 'b-form double helix' 
# 
loop_
_ndb_struct_na_base_pair.model_number 
_ndb_struct_na_base_pair.i_label_asym_id 
_ndb_struct_na_base_pair.i_label_comp_id 
_ndb_struct_na_base_pair.i_label_seq_id 
_ndb_struct_na_base_pair.i_symmetry 
_ndb_struct_na_base_pair.j_label_asym_id 
_ndb_struct_na_base_pair.j_label_comp_id 
_ndb_struct_na_base_pair.j_label_seq_id 
_ndb_struct_na_base_pair.j_symmetry 
_ndb_struct_na_base_pair.shear 
_ndb_struct_na_base_pair.stretch 
_ndb_struct_na_base_pair.stagger 
_ndb_struct_na_base_pair.buckle 
_ndb_struct_na_base_pair.propeller 
_ndb_struct_na_base_pair.opening 
_ndb_struct_na_base_pair.pair_number 
_ndb_struct_na_base_pair.pair_name 
_ndb_struct_na_base_pair.i_auth_asym_id 
_ndb_struct_na_base_pair.i_auth_seq_id 
_ndb_struct_na_base_pair.i_PDB_ins_code 
_ndb_struct_na_base_pair.j_auth_asym_id 
_ndb_struct_na_base_pair.j_auth_seq_id 
_ndb_struct_na_base_pair.j_PDB_ins_code 
_ndb_struct_na_base_pair.hbond_type_28 
_ndb_struct_na_base_pair.hbond_type_12 
1 A 5CM 1 1_555 B DG  6 1_555 0.444  -0.412 0.206  5.616   5.074  1.895  1 A_5CM1:DG12_B A 1 ? B 12 ? 19 1 
1 A DG  2 1_555 B 5CM 5 1_555 -0.546 -0.398 -0.416 -15.191 4.512  -2.125 2 A_DG2:5CM11_B A 2 ? B 11 ? 19 1 
1 A DT  3 1_555 B AS  4 1_555 0.147  -0.188 0.063  -3.478  -2.855 -2.992 3 A_DT3:AS10_B  A 3 ? B 10 ? 20 1 
1 A AS  4 1_555 B DT  3 1_555 0.293  -0.299 0.274  3.181   -5.214 4.618  4 A_AS4:DT9_B   A 4 ? B 9  ? 20 1 
1 A 5CM 5 1_555 B DG  2 1_555 0.057  -0.371 -0.100 18.650  5.246  -5.239 5 A_5CM5:DG8_B  A 5 ? B 8  ? 19 1 
1 A DG  6 1_555 B 5CM 1 1_555 0.017  -0.374 0.102  -6.957  7.249  -0.846 6 A_DG6:5CM7_B  A 6 ? B 7  ? 19 1 
# 
loop_
_ndb_struct_na_base_pair_step.model_number 
_ndb_struct_na_base_pair_step.i_label_asym_id_1 
_ndb_struct_na_base_pair_step.i_label_comp_id_1 
_ndb_struct_na_base_pair_step.i_label_seq_id_1 
_ndb_struct_na_base_pair_step.i_symmetry_1 
_ndb_struct_na_base_pair_step.j_label_asym_id_1 
_ndb_struct_na_base_pair_step.j_label_comp_id_1 
_ndb_struct_na_base_pair_step.j_label_seq_id_1 
_ndb_struct_na_base_pair_step.j_symmetry_1 
_ndb_struct_na_base_pair_step.i_label_asym_id_2 
_ndb_struct_na_base_pair_step.i_label_comp_id_2 
_ndb_struct_na_base_pair_step.i_label_seq_id_2 
_ndb_struct_na_base_pair_step.i_symmetry_2 
_ndb_struct_na_base_pair_step.j_label_asym_id_2 
_ndb_struct_na_base_pair_step.j_label_comp_id_2 
_ndb_struct_na_base_pair_step.j_label_seq_id_2 
_ndb_struct_na_base_pair_step.j_symmetry_2 
_ndb_struct_na_base_pair_step.shift 
_ndb_struct_na_base_pair_step.slide 
_ndb_struct_na_base_pair_step.rise 
_ndb_struct_na_base_pair_step.tilt 
_ndb_struct_na_base_pair_step.roll 
_ndb_struct_na_base_pair_step.twist 
_ndb_struct_na_base_pair_step.x_displacement 
_ndb_struct_na_base_pair_step.y_displacement 
_ndb_struct_na_base_pair_step.helical_rise 
_ndb_struct_na_base_pair_step.inclination 
_ndb_struct_na_base_pair_step.tip 
_ndb_struct_na_base_pair_step.helical_twist 
_ndb_struct_na_base_pair_step.step_number 
_ndb_struct_na_base_pair_step.step_name 
_ndb_struct_na_base_pair_step.i_auth_asym_id_1 
_ndb_struct_na_base_pair_step.i_auth_seq_id_1 
_ndb_struct_na_base_pair_step.i_PDB_ins_code_1 
_ndb_struct_na_base_pair_step.j_auth_asym_id_1 
_ndb_struct_na_base_pair_step.j_auth_seq_id_1 
_ndb_struct_na_base_pair_step.j_PDB_ins_code_1 
_ndb_struct_na_base_pair_step.i_auth_asym_id_2 
_ndb_struct_na_base_pair_step.i_auth_seq_id_2 
_ndb_struct_na_base_pair_step.i_PDB_ins_code_2 
_ndb_struct_na_base_pair_step.j_auth_asym_id_2 
_ndb_struct_na_base_pair_step.j_auth_seq_id_2 
_ndb_struct_na_base_pair_step.j_PDB_ins_code_2 
1 A 5CM 1 1_555 B DG  6 1_555 A DG  2 1_555 B 5CM 5 1_555 0.327  0.051  6.791 7.554  -0.663 30.673 0.350  2.329  6.677 -1.229 
-14.013 31.575 1 AA_5CM1DG2:5CM11DG12_BB A 1 ? B 12 ? A 2 ? B 11 ? 
1 A DG  2 1_555 B 5CM 5 1_555 A DT  3 1_555 B AS  4 1_555 -0.797 -0.294 3.098 -4.194 2.975  31.313 -1.062 0.718  3.135 5.466  
7.705   31.722 2 AA_DG2DT3:AS105CM11_BB  A 2 ? B 11 ? A 3 ? B 10 ? 
1 A DT  3 1_555 B AS  4 1_555 A AS  4 1_555 B DT  3 1_555 0.166  -0.981 3.185 -1.933 0.066  33.240 -1.724 -0.603 3.168 0.115  
3.376   33.294 3 AA_DT3AS4:DT9AS10_BB    A 3 ? B 10 ? A 4 ? B 9  ? 
1 A AS  4 1_555 B DT  3 1_555 A 5CM 5 1_555 B DG  2 1_555 0.176  -0.326 3.081 3.397  -0.332 25.455 -0.646 0.509  3.081 -0.749 
-7.666  25.679 4 AA_AS45CM5:DG8DT9_BB    A 4 ? B 9  ? A 5 ? B 8  ? 
1 A 5CM 5 1_555 B DG  2 1_555 A DG  6 1_555 B 5CM 1 1_555 -0.527 0.456  6.915 -5.809 -1.077 38.478 0.962  -0.707 6.904 -1.623 
8.751   38.912 5 AA_5CM5DG6:5CM7DG8_BB   A 5 ? B 8  ? A 6 ? B 7  ? 
# 
_atom_sites.entry_id                    1D21 
_atom_sites.fract_transf_matrix[1][1]   0.00475641 
_atom_sites.fract_transf_matrix[1][2]   0.00558219 
_atom_sites.fract_transf_matrix[1][3]   -0.04327081 
_atom_sites.fract_transf_matrix[2][1]   -0.03527764 
_atom_sites.fract_transf_matrix[2][2]   0.00642091 
_atom_sites.fract_transf_matrix[2][3]   -0.02530645 
_atom_sites.fract_transf_matrix[3][1]   0.00081669 
_atom_sites.fract_transf_matrix[3][2]   0.00984802 
_atom_sites.fract_transf_matrix[3][3]   0.00136022 
_atom_sites.fract_transf_vector[1]      0.225074 
_atom_sites.fract_transf_vector[2]      0.371481 
_atom_sites.fract_transf_vector[3]      0.250752 
# 
loop_
_atom_type.symbol 
C 
N 
O 
P 
S 
# 
loop_
_atom_site.group_PDB 
_atom_site.id 
_atom_site.type_symbol 
_atom_site.label_atom_id 
_atom_site.label_alt_id 
_atom_site.label_comp_id 
_atom_site.label_asym_id 
_atom_site.label_entity_id 
_atom_site.label_seq_id 
_atom_site.pdbx_PDB_ins_code 
_atom_site.Cartn_x 
_atom_site.Cartn_y 
_atom_site.Cartn_z 
_atom_site.occupancy 
_atom_site.B_iso_or_equiv 
_atom_site.pdbx_formal_charge 
_atom_site.auth_seq_id 
_atom_site.auth_comp_id 
_atom_site.auth_asym_id 
_atom_site.auth_atom_id 
_atom_site.pdbx_PDB_model_num 
HETATM 1   N N1    . 5CM A 1 1 ? 11.775  1.631   -4.418  1.00 21.31 ? 1  5CM A N1    1 
HETATM 2   C C2    . 5CM A 1 1 ? 10.671  1.749   -5.269  1.00 20.62 ? 1  5CM A C2    1 
HETATM 3   N N3    . 5CM A 1 1 ? 10.156  0.590   -5.683  1.00 19.84 ? 1  5CM A N3    1 
HETATM 4   C C4    . 5CM A 1 1 ? 10.628  -0.613  -5.346  1.00 19.59 ? 1  5CM A C4    1 
HETATM 5   C C5    . 5CM A 1 1 ? 11.772  -0.712  -4.582  1.00 19.96 ? 1  5CM A C5    1 
HETATM 6   C C5A   . 5CM A 1 1 ? 12.345  -2.064  -4.184  1.00 20.58 ? 1  5CM A C5A   1 
HETATM 7   C C6    . 5CM A 1 1 ? 12.340  0.424   -4.110  1.00 20.63 ? 1  5CM A C6    1 
HETATM 8   O O2    . 5CM A 1 1 ? 10.322  2.943   -5.472  1.00 20.29 ? 1  5CM A O2    1 
HETATM 9   N N4    . 5CM A 1 1 ? 10.030  -1.671  -5.855  1.00 18.79 ? 1  5CM A N4    1 
HETATM 10  C "C1'" . 5CM A 1 1 ? 12.317  2.963   -4.090  1.00 22.54 ? 1  5CM A "C1'" 1 
HETATM 11  C "C2'" . 5CM A 1 1 ? 11.559  3.848   -3.209  1.00 23.56 ? 1  5CM A "C2'" 1 
HETATM 12  C "C3'" . 5CM A 1 1 ? 12.574  4.000   -2.051  1.00 24.35 ? 1  5CM A "C3'" 1 
HETATM 13  C "C4'" . 5CM A 1 1 ? 13.833  4.105   -2.970  1.00 24.46 ? 1  5CM A "C4'" 1 
HETATM 14  O "O4'" . 5CM A 1 1 ? 13.609  2.767   -3.522  1.00 23.69 ? 1  5CM A "O4'" 1 
HETATM 15  O "O3'" . 5CM A 1 1 ? 12.345  5.196   -1.378  1.00 25.33 ? 1  5CM A "O3'" 1 
HETATM 16  C "C5'" . 5CM A 1 1 ? 15.218  4.003   -2.406  1.00 24.68 ? 1  5CM A "C5'" 1 
HETATM 17  O "O5'" . 5CM A 1 1 ? 15.140  2.847   -1.495  1.00 25.92 ? 1  5CM A "O5'" 1 
ATOM   18  P P     . DG  A 1 2 ? 11.711  5.461   0.098   1.00 30.35 ? 2  DG  A P     1 
ATOM   19  O OP1   . DG  A 1 2 ? 12.691  6.547   0.621   1.00 29.13 ? 2  DG  A OP1   1 
ATOM   20  O OP2   . DG  A 1 2 ? 11.522  4.213   0.865   1.00 30.84 ? 2  DG  A OP2   1 
ATOM   21  O "O5'" . DG  A 1 2 ? 10.587  6.325   -0.560  1.00 23.18 ? 2  DG  A "O5'" 1 
ATOM   22  C "C5'" . DG  A 1 2 ? 9.900   7.113   -1.510  1.00 21.12 ? 2  DG  A "C5'" 1 
ATOM   23  C "C4'" . DG  A 1 2 ? 8.449   6.792   -1.038  1.00 20.81 ? 2  DG  A "C4'" 1 
ATOM   24  O "O4'" . DG  A 1 2 ? 8.209   5.434   -1.360  1.00 19.96 ? 2  DG  A "O4'" 1 
ATOM   25  C "C3'" . DG  A 1 2 ? 8.243   6.924   0.484   1.00 20.44 ? 2  DG  A "C3'" 1 
ATOM   26  O "O3'" . DG  A 1 2 ? 6.978   7.424   0.936   1.00 21.74 ? 2  DG  A "O3'" 1 
ATOM   27  C "C2'" . DG  A 1 2 ? 8.327   5.439   0.888   1.00 19.62 ? 2  DG  A "C2'" 1 
ATOM   28  C "C1'" . DG  A 1 2 ? 7.286   5.036   -0.196  1.00 18.64 ? 2  DG  A "C1'" 1 
ATOM   29  N N9    . DG  A 1 2 ? 7.075   3.604   -0.216  1.00 17.07 ? 2  DG  A N9    1 
ATOM   30  C C8    . DG  A 1 2 ? 7.970   2.713   0.327   1.00 16.71 ? 2  DG  A C8    1 
ATOM   31  N N7    . DG  A 1 2 ? 7.601   1.496   0.097   1.00 16.78 ? 2  DG  A N7    1 
ATOM   32  C C5    . DG  A 1 2 ? 6.410   1.561   -0.613  1.00 16.03 ? 2  DG  A C5    1 
ATOM   33  C C6    . DG  A 1 2 ? 5.588   0.498   -1.104  1.00 15.94 ? 2  DG  A C6    1 
ATOM   34  O O6    . DG  A 1 2 ? 5.896   -0.734  -0.894  1.00 15.75 ? 2  DG  A O6    1 
ATOM   35  N N1    . DG  A 1 2 ? 4.546   0.920   -1.841  1.00 15.30 ? 2  DG  A N1    1 
ATOM   36  C C2    . DG  A 1 2 ? 4.330   2.274   -2.030  1.00 15.12 ? 2  DG  A C2    1 
ATOM   37  N N2    . DG  A 1 2 ? 3.223   2.522   -2.720  1.00 14.89 ? 2  DG  A N2    1 
ATOM   38  N N3    . DG  A 1 2 ? 5.048   3.301   -1.585  1.00 15.38 ? 2  DG  A N3    1 
ATOM   39  C C4    . DG  A 1 2 ? 6.089   2.890   -0.849  1.00 16.43 ? 2  DG  A C4    1 
ATOM   40  P P     . DT  A 1 3 ? 6.374   8.961   1.267   1.00 28.73 ? 3  DT  A P     1 
ATOM   41  O OP1   . DT  A 1 3 ? 7.133   9.983   0.393   1.00 29.74 ? 3  DT  A OP1   1 
ATOM   42  O OP2   . DT  A 1 3 ? 6.726   9.015   2.655   1.00 25.60 ? 3  DT  A OP2   1 
ATOM   43  O "O5'" . DT  A 1 3 ? 4.869   9.023   0.841   1.00 20.26 ? 3  DT  A "O5'" 1 
ATOM   44  C "C5'" . DT  A 1 3 ? 4.062   9.105   -0.369  1.00 18.44 ? 3  DT  A "C5'" 1 
ATOM   45  C "C4'" . DT  A 1 3 ? 3.065   8.040   -0.152  1.00 17.30 ? 3  DT  A "C4'" 1 
ATOM   46  O "O4'" . DT  A 1 3 ? 3.565   6.744   0.108   1.00 16.65 ? 3  DT  A "O4'" 1 
ATOM   47  C "C3'" . DT  A 1 3 ? 1.967   8.211   0.889   1.00 17.07 ? 3  DT  A "C3'" 1 
ATOM   48  O "O3'" . DT  A 1 3 ? 0.771   8.517   0.129   1.00 18.05 ? 3  DT  A "O3'" 1 
ATOM   49  C "C2'" . DT  A 1 3 ? 1.831   6.816   1.515   1.00 16.56 ? 3  DT  A "C2'" 1 
ATOM   50  C "C1'" . DT  A 1 3 ? 2.279   5.957   0.332   1.00 15.58 ? 3  DT  A "C1'" 1 
ATOM   51  N N1    . DT  A 1 3 ? 2.765   4.683   0.806   1.00 15.00 ? 3  DT  A N1    1 
ATOM   52  C C2    . DT  A 1 3 ? 2.148   3.520   0.407   1.00 14.65 ? 3  DT  A C2    1 
ATOM   53  O O2    . DT  A 1 3 ? 1.144   3.537   -0.295  1.00 14.61 ? 3  DT  A O2    1 
ATOM   54  N N3    . DT  A 1 3 ? 2.667   2.331   0.837   1.00 14.42 ? 3  DT  A N3    1 
ATOM   55  C C4    . DT  A 1 3 ? 3.757   2.279   1.663   1.00 14.11 ? 3  DT  A C4    1 
ATOM   56  O O4    . DT  A 1 3 ? 4.147   1.104   1.998   1.00 13.59 ? 3  DT  A O4    1 
ATOM   57  C C5    . DT  A 1 3 ? 4.374   3.478   2.025   1.00 14.25 ? 3  DT  A C5    1 
ATOM   58  C C7    . DT  A 1 3 ? 5.555   3.590   2.931   1.00 14.59 ? 3  DT  A C7    1 
ATOM   59  C C6    . DT  A 1 3 ? 3.858   4.624   1.607   1.00 14.60 ? 3  DT  A C6    1 
HETATM 60  P P     . AS  A 1 4 ? -0.702  9.013   0.507   1.00 25.09 ? 4  AS  A P     1 
HETATM 61  O OP1   . AS  A 1 4 ? -0.982  9.779   -0.825  1.00 26.31 ? 4  AS  A OP1   1 
HETATM 62  S S2P   . AS  A 1 4 ? -0.553  9.803   1.905   1.00 26.47 ? 4  AS  A S2P   1 
HETATM 63  O "O5'" . AS  A 1 4 ? -1.569  7.780   0.615   1.00 16.21 ? 4  AS  A "O5'" 1 
HETATM 64  C "C5'" . AS  A 1 4 ? -2.053  7.147   -0.534  1.00 15.06 ? 4  AS  A "C5'" 1 
HETATM 65  C "C4'" . AS  A 1 4 ? -2.586  5.776   -0.217  1.00 14.72 ? 4  AS  A "C4'" 1 
HETATM 66  O "O4'" . AS  A 1 4 ? -1.677  4.859   0.289   1.00 13.81 ? 4  AS  A "O4'" 1 
HETATM 67  C "C3'" . AS  A 1 4 ? -3.790  5.828   0.723   1.00 14.75 ? 4  AS  A "C3'" 1 
HETATM 68  O "O3'" . AS  A 1 4 ? -5.038  5.982   0.055   1.00 16.01 ? 4  AS  A "O3'" 1 
HETATM 69  C "C2'" . AS  A 1 4 ? -3.456  4.909   1.803   1.00 14.09 ? 4  AS  A "C2'" 1 
HETATM 70  C "C1'" . AS  A 1 4 ? -2.501  3.874   1.075   1.00 12.91 ? 4  AS  A "C1'" 1 
HETATM 71  N N9    . AS  A 1 4 ? -1.479  3.302   1.955   1.00 11.62 ? 4  AS  A N9    1 
HETATM 72  C C8    . AS  A 1 4 ? -0.539  3.925   2.695   1.00 10.93 ? 4  AS  A C8    1 
HETATM 73  N N7    . AS  A 1 4 ? 0.260   3.150   3.332   1.00 10.62 ? 4  AS  A N7    1 
HETATM 74  C C5    . AS  A 1 4 ? -0.142  1.855   2.957   1.00 10.70 ? 4  AS  A C5    1 
HETATM 75  C C6    . AS  A 1 4 ? 0.315   0.549   3.314   1.00 9.90  ? 4  AS  A C6    1 
HETATM 76  N N6    . AS  A 1 4 ? 1.381   0.201   4.018   1.00 9.82  ? 4  AS  A N6    1 
HETATM 77  N N1    . AS  A 1 4 ? -0.435  -0.369  2.761   1.00 10.11 ? 4  AS  A N1    1 
HETATM 78  C C2    . AS  A 1 4 ? -1.499  -0.269  2.021   1.00 9.73  ? 4  AS  A C2    1 
HETATM 79  N N3    . AS  A 1 4 ? -1.937  0.936   1.569   1.00 10.78 ? 4  AS  A N3    1 
HETATM 80  C C4    . AS  A 1 4 ? -1.228  1.938   2.127   1.00 10.90 ? 4  AS  A C4    1 
HETATM 81  N N1    . 5CM A 1 5 ? -4.560  2.026   4.590   1.00 16.54 ? 5  5CM A N1    1 
HETATM 82  C C2    . 5CM A 1 5 ? -3.977  0.766   4.616   1.00 15.74 ? 5  5CM A C2    1 
HETATM 83  N N3    . 5CM A 1 5 ? -2.788  0.682   5.244   1.00 15.26 ? 5  5CM A N3    1 
HETATM 84  C C4    . 5CM A 1 5 ? -2.127  1.754   5.760   1.00 15.45 ? 5  5CM A C4    1 
HETATM 85  C C5    . 5CM A 1 5 ? -2.718  3.062   5.616   1.00 15.84 ? 5  5CM A C5    1 
HETATM 86  C C5A   . 5CM A 1 5 ? -1.991  4.296   6.098   1.00 15.65 ? 5  5CM A C5A   1 
HETATM 87  C C6    . 5CM A 1 5 ? -3.910  3.133   5.012   1.00 16.00 ? 5  5CM A C6    1 
HETATM 88  O O2    . 5CM A 1 5 ? -4.552  -0.192  4.099   1.00 14.99 ? 5  5CM A O2    1 
HETATM 89  N N4    . 5CM A 1 5 ? -0.969  1.650   6.330   1.00 15.21 ? 5  5CM A N4    1 
HETATM 90  C "C1'" . 5CM A 1 5 ? -5.861  2.111   3.951   1.00 18.14 ? 5  5CM A "C1'" 1 
HETATM 91  C "C2'" . 5CM A 1 5 ? -6.850  2.961   4.785   1.00 19.42 ? 5  5CM A "C2'" 1 
HETATM 92  C "C3'" . 5CM A 1 5 ? -7.907  3.298   3.711   1.00 19.95 ? 5  5CM A "C3'" 1 
HETATM 93  C "C4'" . 5CM A 1 5 ? -7.356  2.789   2.363   1.00 20.07 ? 5  5CM A "C4'" 1 
HETATM 94  O "O4'" . 5CM A 1 5 ? -5.950  2.559   2.597   1.00 19.12 ? 5  5CM A "O4'" 1 
HETATM 95  O "O3'" . 5CM A 1 5 ? -9.025  2.504   4.174   1.00 21.30 ? 5  5CM A "O3'" 1 
HETATM 96  C "C5'" . 5CM A 1 5 ? -7.454  3.738   1.139   1.00 20.53 ? 5  5CM A "C5'" 1 
HETATM 97  O "O5'" . 5CM A 1 5 ? -6.773  4.962   1.647   1.00 21.88 ? 5  5CM A "O5'" 1 
HETATM 98  P P     . 5CM A 1 5 ? -6.413  6.353   1.059   1.00 26.66 ? 5  5CM A P     1 
HETATM 99  O OP1   . 5CM A 1 5 ? -7.333  7.251   0.263   1.00 21.84 ? 5  5CM A OP1   1 
HETATM 100 O OP2   . 5CM A 1 5 ? -5.829  7.187   2.251   1.00 26.23 ? 5  5CM A OP2   1 
ATOM   101 P P     . DG  A 1 6 ? -10.587 2.336   4.053   1.00 25.68 ? 6  DG  A P     1 
ATOM   102 O OP1   . DG  A 1 6 ? -11.213 2.094   2.723   1.00 24.50 ? 6  DG  A OP1   1 
ATOM   103 O OP2   . DG  A 1 6 ? -10.701 3.676   4.932   1.00 27.89 ? 6  DG  A OP2   1 
ATOM   104 O "O5'" . DG  A 1 6 ? -10.975 1.187   5.109   1.00 22.03 ? 6  DG  A "O5'" 1 
ATOM   105 C "C5'" . DG  A 1 6 ? -10.495 -0.096  4.398   1.00 21.93 ? 6  DG  A "C5'" 1 
ATOM   106 C "C4'" . DG  A 1 6 ? -11.134 -1.229  5.120   1.00 21.28 ? 6  DG  A "C4'" 1 
ATOM   107 O "O4'" . DG  A 1 6 ? -10.256 -2.052  5.850   1.00 20.99 ? 6  DG  A "O4'" 1 
ATOM   108 C "C3'" . DG  A 1 6 ? -12.314 -1.023  6.032   1.00 21.21 ? 6  DG  A "C3'" 1 
ATOM   109 O "O3'" . DG  A 1 6 ? -13.288 -2.078  5.648   1.00 22.11 ? 6  DG  A "O3'" 1 
ATOM   110 C "C2'" . DG  A 1 6 ? -11.827 -1.338  7.433   1.00 21.06 ? 6  DG  A "C2'" 1 
ATOM   111 C "C1'" . DG  A 1 6 ? -10.412 -2.006  7.220   1.00 19.65 ? 6  DG  A "C1'" 1 
ATOM   112 N N9    . DG  A 1 6 ? -9.467  -0.989  7.823   1.00 18.56 ? 6  DG  A N9    1 
ATOM   113 C C8    . DG  A 1 6 ? -9.407  0.341   7.715   1.00 17.60 ? 6  DG  A C8    1 
ATOM   114 N N7    . DG  A 1 6 ? -8.475  0.849   8.484   1.00 17.38 ? 6  DG  A N7    1 
ATOM   115 C C5    . DG  A 1 6 ? -7.927  -0.227  9.175   1.00 17.13 ? 6  DG  A C5    1 
ATOM   116 C C6    . DG  A 1 6 ? -6.875  -0.380  10.089  1.00 16.62 ? 6  DG  A C6    1 
ATOM   117 O O6    . DG  A 1 6 ? -6.245  0.541   10.549  1.00 16.29 ? 6  DG  A O6    1 
ATOM   118 N N1    . DG  A 1 6 ? -6.603  -1.648  10.505  1.00 16.26 ? 6  DG  A N1    1 
ATOM   119 C C2    . DG  A 1 6 ? -7.297  -2.678  9.998   1.00 16.47 ? 6  DG  A C2    1 
ATOM   120 N N2    . DG  A 1 6 ? -7.058  -3.942  10.332  1.00 17.12 ? 6  DG  A N2    1 
ATOM   121 N N3    . DG  A 1 6 ? -8.302  -2.610  9.157   1.00 17.27 ? 6  DG  A N3    1 
ATOM   122 C C4    . DG  A 1 6 ? -8.558  -1.375  8.752   1.00 17.48 ? 6  DG  A C4    1 
HETATM 123 N N1    . 5CM B 1 1 ? -2.950  -3.622  12.977  1.00 18.74 ? 7  5CM B N1    1 
HETATM 124 C C2    . 5CM B 1 1 ? -4.073  -3.417  12.168  1.00 18.07 ? 7  5CM B C2    1 
HETATM 125 N N3    . 5CM B 1 1 ? -4.450  -2.120  11.969  1.00 17.58 ? 7  5CM B N3    1 
HETATM 126 C C4    . 5CM B 1 1 ? -3.793  -1.068  12.488  1.00 17.31 ? 7  5CM B C4    1 
HETATM 127 C C5    . 5CM B 1 1 ? -2.724  -1.298  13.367  1.00 17.32 ? 7  5CM B C5    1 
HETATM 128 C C5A   . 5CM B 1 1 ? -1.997  -0.154  13.978  1.00 17.74 ? 7  5CM B C5A   1 
HETATM 129 C C6    . 5CM B 1 1 ? -2.320  -2.545  13.546  1.00 17.86 ? 7  5CM B C6    1 
HETATM 130 O O2    . 5CM B 1 1 ? -4.758  -4.371  11.688  1.00 17.80 ? 7  5CM B O2    1 
HETATM 131 N N4    . 5CM B 1 1 ? -4.220  0.179   12.241  1.00 16.64 ? 7  5CM B N4    1 
HETATM 132 C "C1'" . 5CM B 1 1 ? -2.559  -5.013  13.328  1.00 19.79 ? 7  5CM B "C1'" 1 
HETATM 133 C "C2'" . 5CM B 1 1 ? -2.500  -5.991  12.286  1.00 20.46 ? 7  5CM B "C2'" 1 
HETATM 134 C "C3'" . 5CM B 1 1 ? -1.031  -6.298  12.077  1.00 21.03 ? 7  5CM B "C3'" 1 
HETATM 135 C "C4'" . 5CM B 1 1 ? -0.218  -5.502  13.037  1.00 21.13 ? 7  5CM B "C4'" 1 
HETATM 136 O "O4'" . 5CM B 1 1 ? -1.215  -5.037  14.013  1.00 20.85 ? 7  5CM B "O4'" 1 
HETATM 137 O "O3'" . 5CM B 1 1 ? -0.977  -7.766  12.308  1.00 22.06 ? 7  5CM B "O3'" 1 
HETATM 138 C "C5'" . 5CM B 1 1 ? 0.642   -4.310  12.710  1.00 21.34 ? 7  5CM B "C5'" 1 
HETATM 139 O "O5'" . 5CM B 1 1 ? 1.758   -4.424  11.833  1.00 21.78 ? 7  5CM B "O5'" 1 
ATOM   140 P P     . DG  B 1 2 ? 0.171   -8.525  11.449  1.00 27.23 ? 8  DG  B P     1 
ATOM   141 O OP1   . DG  B 1 2 ? -0.257  -9.992  11.601  1.00 26.59 ? 8  DG  B OP1   1 
ATOM   142 O OP2   . DG  B 1 2 ? 1.489   -8.026  11.903  1.00 24.79 ? 8  DG  B OP2   1 
ATOM   143 O "O5'" . DG  B 1 2 ? -0.045  -8.385  9.832   1.00 21.38 ? 8  DG  B "O5'" 1 
ATOM   144 C "C5'" . DG  B 1 2 ? -1.364  -8.922  9.512   1.00 19.96 ? 8  DG  B "C5'" 1 
ATOM   145 C "C4'" . DG  B 1 2 ? -1.607  -8.396  8.132   1.00 19.10 ? 8  DG  B "C4'" 1 
ATOM   146 O "O4'" . DG  B 1 2 ? -1.733  -6.990  8.098   1.00 18.01 ? 8  DG  B "O4'" 1 
ATOM   147 C "C3'" . DG  B 1 2 ? -0.468  -8.850  7.202   1.00 18.94 ? 8  DG  B "C3'" 1 
ATOM   148 O "O3'" . DG  B 1 2 ? -1.117  -9.433  6.011   1.00 20.10 ? 8  DG  B "O3'" 1 
ATOM   149 C "C2'" . DG  B 1 2 ? 0.172   -7.538  6.806   1.00 18.24 ? 8  DG  B "C2'" 1 
ATOM   150 C "C1'" . DG  B 1 2 ? -0.991  -6.570  6.898   1.00 16.88 ? 8  DG  B "C1'" 1 
ATOM   151 N N9    . DG  B 1 2 ? -0.443  -5.209  7.076   1.00 15.05 ? 8  DG  B N9    1 
ATOM   152 C C8    . DG  B 1 2 ? 0.457   -4.772  8.004   1.00 14.64 ? 8  DG  B C8    1 
ATOM   153 N N7    . DG  B 1 2 ? 0.565   -3.484  7.950   1.00 14.39 ? 8  DG  B N7    1 
ATOM   154 C C5    . DG  B 1 2 ? -0.322  -3.044  6.994   1.00 13.70 ? 8  DG  B C5    1 
ATOM   155 C C6    . DG  B 1 2 ? -0.673  -1.751  6.520   1.00 13.58 ? 8  DG  B C6    1 
ATOM   156 O O6    . DG  B 1 2 ? -0.151  -0.691  6.839   1.00 13.55 ? 8  DG  B O6    1 
ATOM   157 N N1    . DG  B 1 2 ? -1.698  -1.768  5.632   1.00 12.71 ? 8  DG  B N1    1 
ATOM   158 C C2    . DG  B 1 2 ? -2.359  -2.862  5.280   1.00 12.93 ? 8  DG  B C2    1 
ATOM   159 N N2    . DG  B 1 2 ? -3.373  -2.744  4.372   1.00 12.67 ? 8  DG  B N2    1 
ATOM   160 N N3    . DG  B 1 2 ? -2.046  -4.107  5.651   1.00 13.52 ? 8  DG  B N3    1 
ATOM   161 C C4    . DG  B 1 2 ? -1.015  -4.106  6.497   1.00 13.92 ? 8  DG  B C4    1 
ATOM   162 P P     . DT  B 1 3 ? -0.400  -10.174 4.771   1.00 23.72 ? 9  DT  B P     1 
ATOM   163 O OP1   . DT  B 1 3 ? -0.869  -11.600 4.855   1.00 24.46 ? 9  DT  B OP1   1 
ATOM   164 O OP2   . DT  B 1 3 ? 1.075   -9.960  5.130   1.00 24.53 ? 9  DT  B OP2   1 
ATOM   165 O "O5'" . DT  B 1 3 ? -1.148  -9.639  3.468   1.00 19.55 ? 9  DT  B "O5'" 1 
ATOM   166 C "C5'" . DT  B 1 3 ? -2.602  -9.522  3.273   1.00 18.54 ? 9  DT  B "C5'" 1 
ATOM   167 C "C4'" . DT  B 1 3 ? -2.778  -8.267  2.534   1.00 17.95 ? 9  DT  B "C4'" 1 
ATOM   168 O "O4'" . DT  B 1 3 ? -2.308  -7.061  3.152   1.00 18.08 ? 9  DT  B "O4'" 1 
ATOM   169 C "C3'" . DT  B 1 3 ? -1.959  -8.342  1.261   1.00 18.08 ? 9  DT  B "C3'" 1 
ATOM   170 O "O3'" . DT  B 1 3 ? -2.903  -8.461  0.260   1.00 19.06 ? 9  DT  B "O3'" 1 
ATOM   171 C "C2'" . DT  B 1 3 ? -1.122  -7.096  1.147   1.00 17.22 ? 9  DT  B "C2'" 1 
ATOM   172 C "C1'" . DT  B 1 3 ? -1.772  -6.145  2.081   1.00 16.27 ? 9  DT  B "C1'" 1 
ATOM   173 N N1    . DT  B 1 3 ? -0.742  -5.264  2.654   1.00 15.47 ? 9  DT  B N1    1 
ATOM   174 C C2    . DT  B 1 3 ? -0.927  -3.870  2.451   1.00 14.37 ? 9  DT  B C2    1 
ATOM   175 O O2    . DT  B 1 3 ? -1.885  -3.491  1.824   1.00 14.47 ? 9  DT  B O2    1 
ATOM   176 N N3    . DT  B 1 3 ? -0.035  -3.037  2.945   1.00 13.92 ? 9  DT  B N3    1 
ATOM   177 C C4    . DT  B 1 3 ? 1.051   -3.414  3.698   1.00 13.94 ? 9  DT  B C4    1 
ATOM   178 O O4    . DT  B 1 3 ? 1.830   -2.479  4.112   1.00 13.46 ? 9  DT  B O4    1 
ATOM   179 C C5    . DT  B 1 3 ? 1.229   -4.774  3.886   1.00 14.19 ? 9  DT  B C5    1 
ATOM   180 C C7    . DT  B 1 3 ? 2.404   -5.291  4.714   1.00 14.75 ? 9  DT  B C7    1 
ATOM   181 C C6    . DT  B 1 3 ? 0.319   -5.642  3.430   1.00 14.80 ? 9  DT  B C6    1 
HETATM 182 P P     . AS  B 1 4 ? -2.880  -8.886  -1.165  1.00 26.61 ? 10 AS  B P     1 
HETATM 183 O OP1   . AS  B 1 4 ? -4.334  -9.362  -1.395  1.00 25.34 ? 10 AS  B OP1   1 
HETATM 184 S S2P   . AS  B 1 4 ? -1.589  -9.894  -1.398  1.00 27.50 ? 10 AS  B S2P   1 
HETATM 185 O "O5'" . AS  B 1 4 ? -2.626  -7.547  -2.033  1.00 19.96 ? 10 AS  B "O5'" 1 
HETATM 186 C "C5'" . AS  B 1 4 ? -3.219  -6.423  -1.359  1.00 18.98 ? 10 AS  B "C5'" 1 
HETATM 187 C "C4'" . AS  B 1 4 ? -3.254  -5.175  -2.144  1.00 18.43 ? 10 AS  B "C4'" 1 
HETATM 188 O "O4'" . AS  B 1 4 ? -2.551  -4.253  -1.375  1.00 17.71 ? 10 AS  B "O4'" 1 
HETATM 189 C "C3'" . AS  B 1 4 ? -2.716  -5.170  -3.529  1.00 18.49 ? 10 AS  B "C3'" 1 
HETATM 190 O "O3'" . AS  B 1 4 ? -3.523  -4.500  -4.518  1.00 19.68 ? 10 AS  B "O3'" 1 
HETATM 191 C "C2'" . AS  B 1 4 ? -1.340  -4.588  -3.347  1.00 17.95 ? 10 AS  B "C2'" 1 
HETATM 192 C "C1'" . AS  B 1 4 ? -1.532  -3.623  -2.203  1.00 16.70 ? 10 AS  B "C1'" 1 
HETATM 193 N N9    . AS  B 1 4 ? -0.362  -3.365  -1.396  1.00 15.05 ? 10 AS  B N9    1 
HETATM 194 C C8    . AS  B 1 4 ? 0.525   -4.181  -0.877  1.00 14.40 ? 10 AS  B C8    1 
HETATM 195 N N7    . AS  B 1 4 ? 1.478   -3.656  -0.171  1.00 14.18 ? 10 AS  B N7    1 
HETATM 196 C C5    . AS  B 1 4 ? 1.171   -2.267  -0.264  1.00 14.26 ? 10 AS  B C5    1 
HETATM 197 C C6    . AS  B 1 4 ? 1.846   -1.124  0.246   1.00 13.53 ? 10 AS  B C6    1 
HETATM 198 N N6    . AS  B 1 4 ? 2.889   -1.220  0.978   1.00 13.00 ? 10 AS  B N6    1 
HETATM 199 N N1    . AS  B 1 4 ? 1.282   0.009   -0.122  1.00 13.41 ? 10 AS  B N1    1 
HETATM 200 C C2    . AS  B 1 4 ? 0.215   0.178   -0.927  1.00 13.48 ? 10 AS  B C2    1 
HETATM 201 N N3    . AS  B 1 4 ? -0.514  -0.865  -1.396  1.00 14.28 ? 10 AS  B N3    1 
HETATM 202 C C4    . AS  B 1 4 ? 0.054   -2.054  -1.064  1.00 14.52 ? 10 AS  B C4    1 
HETATM 203 N N1    . 5CM B 1 5 ? 1.724   -1.742  -4.550  1.00 20.52 ? 11 5CM B N1    1 
HETATM 204 C C2    . 5CM B 1 5 ? 2.350   -0.777  -3.750  1.00 19.95 ? 11 5CM B C2    1 
HETATM 205 N N3    . 5CM B 1 5 ? 3.238   -1.202  -2.821  1.00 19.42 ? 11 5CM B N3    1 
HETATM 206 C C4    . 5CM B 1 5 ? 3.496   -2.526  -2.651  1.00 19.44 ? 11 5CM B C4    1 
HETATM 207 C C5    . 5CM B 1 5 ? 2.811   -3.472  -3.476  1.00 19.64 ? 11 5CM B C5    1 
HETATM 208 C C5A   . 5CM B 1 5 ? 3.065   -4.967  -3.325  1.00 19.79 ? 11 5CM B C5A   1 
HETATM 209 C C6    . 5CM B 1 5 ? 1.975   -3.071  -4.412  1.00 19.87 ? 11 5CM B C6    1 
HETATM 210 O O2    . 5CM B 1 5 ? 2.030   0.404   -3.945  1.00 19.53 ? 11 5CM B O2    1 
HETATM 211 N N4    . 5CM B 1 5 ? 4.383   -2.882  -1.716  1.00 18.64 ? 11 5CM B N4    1 
HETATM 212 C "C1'" . 5CM B 1 5 ? 0.848   -1.145  -5.555  1.00 21.09 ? 11 5CM B "C1'" 1 
HETATM 213 C "C2'" . 5CM B 1 5 ? 1.670   -1.242  -6.813  1.00 22.08 ? 11 5CM B "C2'" 1 
HETATM 214 C "C3'" . 5CM B 1 5 ? 0.652   -1.609  -7.881  1.00 22.45 ? 11 5CM B "C3'" 1 
HETATM 215 C "C4'" . 5CM B 1 5 ? -0.607  -1.980  -7.161  1.00 22.60 ? 11 5CM B "C4'" 1 
HETATM 216 O "O4'" . 5CM B 1 5 ? -0.465  -1.600  -5.733  1.00 22.09 ? 11 5CM B "O4'" 1 
HETATM 217 O "O3'" . 5CM B 1 5 ? 0.632   -0.585  -8.885  1.00 23.24 ? 11 5CM B "O3'" 1 
HETATM 218 C "C5'" . 5CM B 1 5 ? -0.941  -3.501  -7.274  1.00 22.69 ? 11 5CM B "C5'" 1 
HETATM 219 O "O5'" . 5CM B 1 5 ? -2.082  -3.745  -6.508  1.00 23.09 ? 11 5CM B "O5'" 1 
HETATM 220 P P     . 5CM B 1 5 ? -3.217  -4.751  -6.114  1.00 27.78 ? 11 5CM B P     1 
HETATM 221 O OP1   . 5CM B 1 5 ? -4.624  -4.547  -6.824  1.00 26.22 ? 11 5CM B OP1   1 
HETATM 222 O OP2   . 5CM B 1 5 ? -2.758  -6.161  -6.180  1.00 28.02 ? 11 5CM B OP2   1 
ATOM   223 P P     . DG  B 1 6 ? 0.370   -0.792  -10.457 1.00 26.74 ? 12 DG  B P     1 
ATOM   224 O OP1   . DG  B 1 6 ? -0.818  -1.580  -10.884 1.00 26.31 ? 12 DG  B OP1   1 
ATOM   225 O OP2   . DG  B 1 6 ? 1.424   -1.712  -11.130 1.00 23.58 ? 12 DG  B OP2   1 
ATOM   226 O "O5'" . DG  B 1 6 ? 0.751   0.798   -10.950 1.00 23.32 ? 12 DG  B "O5'" 1 
ATOM   227 C "C5'" . DG  B 1 6 ? 0.218   1.901   -10.159 1.00 21.60 ? 12 DG  B "C5'" 1 
ATOM   228 C "C4'" . DG  B 1 6 ? 1.444   2.733   -9.870  1.00 21.19 ? 12 DG  B "C4'" 1 
ATOM   229 O "O4'" . DG  B 1 6 ? 2.510   1.997   -9.296  1.00 20.95 ? 12 DG  B "O4'" 1 
ATOM   230 C "C3'" . DG  B 1 6 ? 2.006   3.458   -11.039 1.00 21.03 ? 12 DG  B "C3'" 1 
ATOM   231 O "O3'" . DG  B 1 6 ? 2.009   4.922   -10.912 1.00 21.34 ? 12 DG  B "O3'" 1 
ATOM   232 C "C2'" . DG  B 1 6 ? 3.396   2.763   -11.254 1.00 20.22 ? 12 DG  B "C2'" 1 
ATOM   233 C "C1'" . DG  B 1 6 ? 3.857   2.624   -9.864  1.00 19.45 ? 12 DG  B "C1'" 1 
ATOM   234 N N9    . DG  B 1 6 ? 4.783   1.580   -9.477  1.00 18.29 ? 12 DG  B N9    1 
ATOM   235 C C8    . DG  B 1 6 ? 4.424   0.247   -9.540  1.00 17.85 ? 12 DG  B C8    1 
ATOM   236 N N7    . DG  B 1 6 ? 5.264   -0.524  -8.947  1.00 17.84 ? 12 DG  B N7    1 
ATOM   237 C C5    . DG  B 1 6 ? 6.250   0.318   -8.431  1.00 17.17 ? 12 DG  B C5    1 
ATOM   238 C C6    . DG  B 1 6 ? 7.457   0.016   -7.775  1.00 16.89 ? 12 DG  B C6    1 
ATOM   239 O O6    . DG  B 1 6 ? 7.919   -1.068  -7.490  1.00 16.15 ? 12 DG  B O6    1 
ATOM   240 N N1    . DG  B 1 6 ? 8.145   1.131   -7.437  1.00 16.46 ? 12 DG  B N1    1 
ATOM   241 C C2    . DG  B 1 6 ? 7.695   2.385   -7.719  1.00 16.67 ? 12 DG  B C2    1 
ATOM   242 N N2    . DG  B 1 6 ? 8.488   3.388   -7.295  1.00 16.96 ? 12 DG  B N2    1 
ATOM   243 N N3    . DG  B 1 6 ? 6.617   2.739   -8.383  1.00 17.57 ? 12 DG  B N3    1 
ATOM   244 C C4    . DG  B 1 6 ? 5.938   1.608   -8.759  1.00 17.62 ? 12 DG  B C4    1 
HETATM 245 C C1    . NGM C 2 . ? 8.441   -1.163  -2.844  1.00 18.07 ? 14 NGM A C1    1 
HETATM 246 C C2    . NGM C 2 . ? 8.126   -2.481  -2.965  1.00 18.22 ? 14 NGM A C2    1 
HETATM 247 C C3    . NGM C 2 . ? 7.047   -2.947  -3.796  1.00 17.50 ? 14 NGM A C3    1 
HETATM 248 C C4    . NGM C 2 . ? 6.297   -1.986  -4.418  1.00 17.16 ? 14 NGM A C4    1 
HETATM 249 C C5    . NGM C 2 . ? 5.642   0.298   -4.981  1.00 17.03 ? 14 NGM A C5    1 
HETATM 250 C C6    . NGM C 2 . ? 5.044   2.613   -5.498  1.00 18.46 ? 14 NGM A C6    1 
HETATM 251 C C7    . NGM C 2 . ? 4.224   4.894   -6.157  1.00 20.75 ? 14 NGM A C7    1 
HETATM 252 C C8    . NGM C 2 . ? 4.781   6.374   -6.178  1.00 21.36 ? 14 NGM A C8    1 
HETATM 253 C C9    . NGM C 2 . ? 5.486   6.832   -4.843  1.00 21.22 ? 14 NGM A C9    1 
HETATM 254 C C10   . NGM C 2 . ? 6.680   5.978   -4.520  1.00 21.14 ? 14 NGM A C10   1 
HETATM 255 C C11   . NGM C 2 . ? 7.242   3.599   -3.952  1.00 19.06 ? 14 NGM A C11   1 
HETATM 256 C C12   . NGM C 2 . ? 7.909   1.286   -3.421  1.00 17.90 ? 14 NGM A C12   1 
HETATM 257 C C13   . NGM C 2 . ? 4.497   6.923   -3.802  1.00 21.69 ? 14 NGM A C13   1 
HETATM 258 C C14   . NGM C 2 . ? 7.852   6.283   -5.452  1.00 21.83 ? 14 NGM A C14   1 
HETATM 259 C C15   . NGM C 2 . ? 10.217  6.185   -5.644  1.00 21.82 ? 14 NGM A C15   1 
HETATM 260 C C16   . NGM C 2 . ? 7.651   -0.203  -3.514  1.00 17.54 ? 14 NGM A C16   1 
HETATM 261 C C17   . NGM C 2 . ? 6.523   -0.633  -4.283  1.00 17.06 ? 14 NGM A C17   1 
HETATM 262 C C18   . NGM C 2 . ? 5.848   1.697   -4.865  1.00 17.84 ? 14 NGM A C18   1 
HETATM 263 C C19   . NGM C 2 . ? 5.234   4.037   -5.408  1.00 19.75 ? 14 NGM A C19   1 
HETATM 264 C C20   . NGM C 2 . ? 6.338   4.446   -4.621  1.00 20.07 ? 14 NGM A C20   1 
HETATM 265 C C21   . NGM C 2 . ? 6.976   2.178   -4.092  1.00 18.19 ? 14 NGM A C21   1 
HETATM 266 C C22   . NGM C 2 . ? 9.109   -4.851  -2.865  1.00 18.75 ? 14 NGM A C22   1 
HETATM 267 C C23   . NGM C 2 . ? 8.390   -3.258  2.577   1.00 20.18 ? 14 NGM A C23   1 
HETATM 268 C C24   . NGM C 2 . ? 6.904   -1.499  2.280   1.00 20.42 ? 14 NGM A C24   1 
HETATM 269 C C25   . NGM C 2 . ? -0.252  7.483   -6.990  1.00 24.80 ? 14 NGM A C25   1 
HETATM 270 C C26   . NGM C 2 . ? -1.165  7.959   -3.641  1.00 24.99 ? 14 NGM A C26   1 
HETATM 271 C C27   . NGM C 2 . ? -1.112  2.962   -2.929  1.00 24.07 ? 14 NGM A C27   1 
HETATM 272 C C28   . NGM C 2 . ? 1.226   5.442   -3.173  1.00 24.35 ? 14 NGM A C28   1 
HETATM 273 C C29   . NGM C 2 . ? -0.128  2.389   -6.870  1.00 24.02 ? 14 NGM A C29   1 
HETATM 274 C C30   . NGM C 2 . ? 10.231  -1.577  -1.213  1.00 19.18 ? 14 NGM A C30   1 
HETATM 275 C C31   . NGM C 2 . ? 9.590   -1.713  0.153   1.00 19.46 ? 14 NGM A C31   1 
HETATM 276 C C32   . NGM C 2 . ? 8.264   -2.489  0.175   1.00 19.70 ? 14 NGM A C32   1 
HETATM 277 C C33   . NGM C 2 . ? 8.309   -3.701  -0.715  1.00 19.25 ? 14 NGM A C33   1 
HETATM 278 C C34   . NGM C 2 . ? 8.965   -3.491  -2.118  1.00 18.89 ? 14 NGM A C34   1 
HETATM 279 C "C1'" . NGM C 2 . ? 1.822   4.587   -5.945  1.00 23.85 ? 14 NGM A "C1'" 1 
HETATM 280 C "C2'" . NGM C 2 . ? 0.762   3.859   -5.042  1.00 24.26 ? 14 NGM A "C2'" 1 
HETATM 281 C "C3'" . NGM C 2 . ? 0.030   4.898   -4.107  1.00 24.57 ? 14 NGM A "C3'" 1 
HETATM 282 C "C4'" . NGM C 2 . ? -0.618  5.989   -4.992  1.00 24.84 ? 14 NGM A "C4'" 1 
HETATM 283 C "C5'" . NGM C 2 . ? 0.437   6.618   -5.849  1.00 24.85 ? 14 NGM A "C5'" 1 
HETATM 284 N N1    . NGM C 2 . ? 7.595   -2.771  1.512   1.00 20.23 ? 14 NGM A N1    1 
HETATM 285 O O1    . NGM C 2 . ? 9.429   -0.693  -2.063  1.00 18.71 ? 14 NGM A O1    1 
HETATM 286 O O2    . NGM C 2 . ? 10.303  -2.948  -1.924  1.00 19.00 ? 14 NGM A O2    1 
HETATM 287 O O4    . NGM C 2 . ? 5.270   -2.444  -5.051  1.00 17.36 ? 14 NGM A O4    1 
HETATM 288 O O5    . NGM C 2 . ? 4.672   -0.071  -5.695  1.00 16.83 ? 14 NGM A O5    1 
HETATM 289 O O6    . NGM C 2 . ? 4.021   2.159   -6.232  1.00 17.71 ? 14 NGM A O6    1 
HETATM 290 O O7    . NGM C 2 . ? 3.032   4.858   -5.326  1.00 22.47 ? 14 NGM A O7    1 
HETATM 291 O O9    . NGM C 2 . ? 6.075   8.170   -5.100  1.00 21.98 ? 14 NGM A O9    1 
HETATM 292 O O10   . NGM C 2 . ? 9.062   6.531   -4.882  1.00 22.42 ? 14 NGM A O10   1 
HETATM 293 O O14   . NGM C 2 . ? 7.936   6.247   -6.630  1.00 22.04 ? 14 NGM A O14   1 
HETATM 294 O O12   . NGM C 2 . ? 8.799   1.817   -2.720  1.00 18.14 ? 14 NGM A O12   1 
HETATM 295 O O15   . NGM C 2 . ? 9.631   -0.513  0.851   1.00 19.74 ? 14 NGM A O15   1 
HETATM 296 O O16   . NGM C 2 . ? 7.002   -4.101  -0.931  1.00 19.46 ? 14 NGM A O16   1 
HETATM 297 O "O1'" . NGM C 2 . ? 1.141   5.620   -6.694  1.00 24.45 ? 14 NGM A "O1'" 1 
HETATM 298 O "O2'" . NGM C 2 . ? -0.327  3.336   -5.812  1.00 24.39 ? 14 NGM A "O2'" 1 
HETATM 299 O "O3'" . NGM C 2 . ? -1.056  4.278   -3.524  1.00 24.49 ? 14 NGM A "O3'" 1 
HETATM 300 O "O4'" . NGM C 2 . ? -1.572  6.857   -4.459  1.00 25.47 ? 14 NGM A "O4'" 1 
HETATM 301 C C1    . NGM D 2 . ? -1.116  -0.577  10.120  1.00 13.05 ? 13 NGM B C1    1 
HETATM 302 C C2    . NGM D 2 . ? -0.977  0.813   10.198  1.00 13.19 ? 13 NGM B C2    1 
HETATM 303 C C3    . NGM D 2 . ? -1.892  1.726   9.579   1.00 12.24 ? 13 NGM B C3    1 
HETATM 304 C C4    . NGM D 2 . ? -2.934  1.198   8.874   1.00 11.95 ? 13 NGM B C4    1 
HETATM 305 C C5    . NGM D 2 . ? -4.294  -0.674  8.024   1.00 11.57 ? 13 NGM B C5    1 
HETATM 306 C C6    . NGM D 2 . ? -5.508  -2.594  7.139   1.00 12.67 ? 13 NGM B C6    1 
HETATM 307 C C7    . NGM D 2 . ? -6.958  -4.422  6.177   1.00 14.55 ? 13 NGM B C7    1 
HETATM 308 C C8    . NGM D 2 . ? -7.187  -5.979  6.265   1.00 15.41 ? 13 NGM B C8    1 
HETATM 309 C C9    . NGM D 2 . ? -5.832  -6.811  6.252   1.00 15.07 ? 13 NGM B C9    1 
HETATM 310 C C10   . NGM D 2 . ? -5.073  -6.427  7.499   1.00 14.92 ? 13 NGM B C10   1 
HETATM 311 C C11   . NGM D 2 . ? -3.775  -4.447  8.417   1.00 13.34 ? 13 NGM B C11   1 
HETATM 312 C C12   . NGM D 2 . ? -2.480  -2.586  9.305   1.00 12.77 ? 13 NGM B C12   1 
HETATM 313 C C13   . NGM D 2 . ? -5.195  -6.759  4.981   1.00 15.34 ? 13 NGM B C13   1 
HETATM 314 C C14   . NGM D 2 . ? -5.839  -6.870  8.739   1.00 15.37 ? 13 NGM B C14   1 
HETATM 315 C C15   . NGM D 2 . ? -5.213  -7.048  10.978  1.00 16.07 ? 13 NGM B C15   1 
HETATM 316 C C16   . NGM D 2 . ? -2.196  -1.078  9.394   1.00 12.36 ? 13 NGM B C16   1 
HETATM 317 C C17   . NGM D 2 . ? -3.117  -0.173  8.765   1.00 12.02 ? 13 NGM B C17   1 
HETATM 318 C C18   . NGM D 2 . ? -4.498  -2.087  7.869   1.00 12.28 ? 13 NGM B C18   1 
HETATM 319 C C19   . NGM D 2 . ? -5.777  -4.046  7.009   1.00 13.80 ? 13 NGM B C19   1 
HETATM 320 C C20   . NGM D 2 . ? -4.874  -4.884  7.680   1.00 13.98 ? 13 NGM B C20   1 
HETATM 321 C C21   . NGM D 2 . ? -3.638  -3.013  8.542   1.00 12.53 ? 13 NGM B C21   1 
HETATM 322 C C22   . NGM D 2 . ? 0.177   2.731   11.565  1.00 13.66 ? 13 NGM B C22   1 
HETATM 323 C C23   . NGM D 2 . ? 3.864   -0.154  7.594   1.00 15.36 ? 13 NGM B C23   1 
HETATM 324 C C24   . NGM D 2 . ? 4.459   0.727   9.751   1.00 15.50 ? 13 NGM B C24   1 
HETATM 325 C C25   . NGM D 2 . ? -8.997  -6.530  2.665   1.00 17.68 ? 13 NGM B C25   1 
HETATM 326 C C26   . NGM D 2 . ? -7.866  -6.293  -0.251  1.00 18.51 ? 13 NGM B C26   1 
HETATM 327 C C27   . NGM D 2 . ? -4.738  -3.029  -0.170  1.00 19.15 ? 13 NGM B C27   1 
HETATM 328 C C28   . NGM D 2 . ? -4.644  -4.869  2.219   1.00 18.55 ? 13 NGM B C28   1 
HETATM 329 C C29   . NGM D 2 . ? -7.182  -0.869  2.053   1.00 18.71 ? 13 NGM B C29   1 
HETATM 330 C C30   . NGM D 2 . ? 0.979   -1.024  11.290  1.00 14.11 ? 13 NGM B C30   1 
HETATM 331 C C31   . NGM D 2 . ? 2.073   -1.084  10.254  1.00 14.42 ? 13 NGM B C31   1 
HETATM 332 C C32   . NGM D 2 . ? 1.946   0.084   9.231   1.00 14.56 ? 13 NGM B C32   1 
HETATM 333 C C33   . NGM D 2 . ? 1.418   1.442   9.722   1.00 14.31 ? 13 NGM B C33   1 
HETATM 334 C C34   . NGM D 2 . ? 0.337   1.359   10.824  1.00 13.55 ? 13 NGM B C34   1 
HETATM 335 C "C1'" . NGM D 2 . ? -7.331  -3.576  3.948   1.00 17.39 ? 13 NGM B "C1'" 1 
HETATM 336 C "C2'" . NGM D 2 . ? -6.476  -3.067  2.688   1.00 18.14 ? 13 NGM B "C2'" 1 
HETATM 337 C "C3'" . NGM D 2 . ? -6.029  -4.148  1.720   1.00 18.31 ? 13 NGM B "C3'" 1 
HETATM 338 C "C4'" . NGM D 2 . ? -7.182  -5.162  1.518   1.00 18.46 ? 13 NGM B "C4'" 1 
HETATM 339 C "C5'" . NGM D 2 . ? -7.755  -5.622  2.769   1.00 18.18 ? 13 NGM B "C5'" 1 
HETATM 340 N N1    . NGM D 2 . ? 3.343   0.470   8.685   1.00 14.80 ? 13 NGM B N1    1 
HETATM 341 O O1    . NGM D 2 . ? -0.286  -1.468  10.631  1.00 13.72 ? 13 NGM B O1    1 
HETATM 342 O O2    . NGM D 2 . ? 0.870   0.395   11.750  1.00 14.17 ? 13 NGM B O2    1 
HETATM 343 O O4    . NGM D 2 . ? -3.740  2.140   8.348   1.00 11.58 ? 13 NGM B O4    1 
HETATM 344 O O5    . NGM D 2 . ? -5.042  0.133   7.484   1.00 11.35 ? 13 NGM B O5    1 
HETATM 345 O O6    . NGM D 2 . ? -6.342  -1.746  6.505   1.00 12.08 ? 13 NGM B O6    1 
HETATM 346 O O7    . NGM D 2 . ? -6.508  -4.306  4.841   1.00 16.32 ? 13 NGM B O7    1 
HETATM 347 O O9    . NGM D 2 . ? -6.350  -8.184  6.498   1.00 15.88 ? 13 NGM B O9    1 
HETATM 348 O O10   . NGM D 2 . ? -4.870  -7.310  9.584   1.00 15.69 ? 13 NGM B O10   1 
HETATM 349 O O14   . NGM D 2 . ? -6.889  -6.477  9.169   1.00 15.23 ? 13 NGM B O14   1 
HETATM 350 O O12   . NGM D 2 . ? -1.741  -3.494  9.776   1.00 13.23 ? 13 NGM B O12   1 
HETATM 351 O O15   . NGM D 2 . ? 2.104   -2.403  9.717   1.00 14.55 ? 13 NGM B O15   1 
HETATM 352 O O16   . NGM D 2 . ? 1.239   2.327   8.635   1.00 13.69 ? 13 NGM B O16   1 
HETATM 353 O "O1'" . NGM D 2 . ? -8.352  -4.370  3.394   1.00 18.03 ? 13 NGM B "O1'" 1 
HETATM 354 O "O2'" . NGM D 2 . ? -7.457  -2.304  1.947   1.00 18.12 ? 13 NGM B "O2'" 1 
HETATM 355 O "O3'" . NGM D 2 . ? -5.872  -3.618  0.514   1.00 18.15 ? 13 NGM B "O3'" 1 
HETATM 356 O "O4'" . NGM D 2 . ? -6.773  -6.306  0.737   1.00 18.24 ? 13 NGM B "O4'" 1 
HETATM 357 O O     . HOH E 3 . ? 2.164   4.554   5.333   1.00 20.76 ? 15 HOH A O     1 
HETATM 358 O O     . HOH E 3 . ? -4.559  7.490   -16.144 1.00 23.82 ? 19 HOH A O     1 
HETATM 359 O O     . HOH E 3 . ? 20.360  -2.363  -14.919 1.00 39.24 ? 23 HOH A O     1 
HETATM 360 O O     . HOH E 3 . ? 9.216   -4.121  -6.824  1.00 18.30 ? 25 HOH A O     1 
HETATM 361 O O     . HOH E 3 . ? 5.648   -4.849  -9.547  1.00 25.70 ? 28 HOH A O     1 
HETATM 362 O O     . HOH E 3 . ? 1.236   6.897   5.294   1.00 39.24 ? 30 HOH A O     1 
HETATM 363 O O     . HOH E 3 . ? -0.755  7.751   7.727   1.00 19.03 ? 31 HOH A O     1 
HETATM 364 O O     . HOH E 3 . ? 11.550  9.949   -14.910 1.00 43.15 ? 32 HOH A O     1 
HETATM 365 O O     . HOH E 3 . ? 3.274   2.114   5.645   1.00 28.40 ? 35 HOH A O     1 
HETATM 366 O O     . HOH E 3 . ? -4.754  7.503   -7.517  1.00 29.87 ? 36 HOH A O     1 
HETATM 367 O O     . HOH E 3 . ? -14.320 3.371   3.214   1.00 36.17 ? 38 HOH A O     1 
HETATM 368 O O     . HOH E 3 . ? -2.622  3.751   -6.782  1.00 32.83 ? 40 HOH A O     1 
HETATM 369 O O     . HOH E 3 . ? -5.967  4.632   -8.360  1.00 39.55 ? 41 HOH A O     1 
HETATM 370 O O     . HOH E 3 . ? -7.986  3.113   -4.600  1.00 22.77 ? 42 HOH A O     1 
HETATM 371 O O     . HOH E 3 . ? -8.791  1.275   -0.518  1.00 38.61 ? 43 HOH A O     1 
HETATM 372 O O     . HOH E 3 . ? -12.912 0.611   -1.099  1.00 29.33 ? 44 HOH A O     1 
HETATM 373 O O     . HOH E 3 . ? -11.802 -5.383  -1.756  1.00 21.43 ? 47 HOH A O     1 
HETATM 374 O O     . HOH E 3 . ? -12.027 -5.739  -8.305  1.00 33.38 ? 48 HOH A O     1 
HETATM 375 O O     . HOH E 3 . ? -5.174  8.262   -3.021  1.00 34.62 ? 51 HOH A O     1 
HETATM 376 O O     . HOH E 3 . ? -6.145  5.734   -12.191 1.00 22.28 ? 52 HOH A O     1 
HETATM 377 O O     . HOH E 3 . ? -12.060 5.502   3.116   1.00 46.32 ? 53 HOH A O     1 
HETATM 378 O O     . HOH E 3 . ? -10.140 -3.033  -5.140  1.00 26.87 ? 55 HOH A O     1 
HETATM 379 O O     . HOH E 3 . ? 13.071  -5.496  -6.380  1.00 19.51 ? 57 HOH A O     1 
HETATM 380 O O     . HOH E 3 . ? 5.091   -3.515  2.075   1.00 24.82 ? 58 HOH A O     1 
HETATM 381 O O     . HOH E 3 . ? -10.243 9.188   2.428   1.00 48.98 ? 62 HOH A O     1 
HETATM 382 O O     . HOH E 3 . ? -2.565  7.539   3.955   1.00 22.73 ? 63 HOH A O     1 
HETATM 383 O O     . HOH E 3 . ? -17.824 6.770   2.183   1.00 48.65 ? 64 HOH A O     1 
HETATM 384 O O     . HOH E 3 . ? -9.468  7.799   -7.269  1.00 48.68 ? 66 HOH A O     1 
HETATM 385 O O     . HOH E 3 . ? 14.381  6.113   -5.928  1.00 40.00 ? 67 HOH A O     1 
HETATM 386 O O     . HOH E 3 . ? -12.054 5.585   -0.277  1.00 42.36 ? 68 HOH A O     1 
HETATM 387 O O     . HOH E 3 . ? -9.416  4.274   -8.693  1.00 36.14 ? 69 HOH A O     1 
HETATM 388 O O     . HOH E 3 . ? -14.259 3.691   -0.241  1.00 32.75 ? 70 HOH A O     1 
HETATM 389 O O     . HOH E 3 . ? -5.194  2.603   -2.073  1.00 22.26 ? 71 HOH A O     1 
HETATM 390 O O     . HOH E 3 . ? -5.345  1.767   -5.781  1.00 42.16 ? 72 HOH A O     1 
HETATM 391 O O     . HOH E 3 . ? -11.503 1.067   -3.196  1.00 32.42 ? 73 HOH A O     1 
HETATM 392 O O     . HOH E 3 . ? -12.485 -2.186  -1.992  1.00 46.14 ? 76 HOH A O     1 
HETATM 393 O O     . HOH E 3 . ? -13.033 -4.753  1.482   1.00 30.74 ? 78 HOH A O     1 
HETATM 394 O O     . HOH E 3 . ? 4.694   -4.923  -6.972  1.00 26.58 ? 79 HOH A O     1 
HETATM 395 O O     . HOH E 3 . ? -15.683 6.130   0.162   1.00 34.23 ? 80 HOH A O     1 
HETATM 396 O O     . HOH E 3 . ? -8.020  5.473   -1.669  1.00 19.20 ? 81 HOH A O     1 
HETATM 397 O O     . HOH E 3 . ? -5.932  5.101   -4.279  1.00 45.03 ? 82 HOH A O     1 
HETATM 398 O O     . HOH E 3 . ? -11.416 3.566   -2.073  1.00 84.60 ? 83 HOH A O     1 
HETATM 399 O O     . HOH E 3 . ? 5.764   -7.667  3.577   1.00 35.39 ? 86 HOH A O     1 
HETATM 400 O O     . HOH E 3 . ? 6.929   -6.590  1.395   1.00 36.61 ? 87 HOH A O     1 
HETATM 401 O O     . HOH E 3 . ? -13.082 8.215   4.123   1.00 31.45 ? 90 HOH A O     1 
HETATM 402 O O     . HOH F 3 . ? 6.354   8.414   -13.876 1.00 19.60 ? 16 HOH B O     1 
HETATM 403 O O     . HOH F 3 . ? 2.925   8.343   -12.693 1.00 37.86 ? 17 HOH B O     1 
HETATM 404 O O     . HOH F 3 . ? 5.583   5.779   -10.735 1.00 47.95 ? 18 HOH B O     1 
HETATM 405 O O     . HOH F 3 . ? 9.080   5.664   -10.746 1.00 21.45 ? 20 HOH B O     1 
HETATM 406 O O     . HOH F 3 . ? -6.828  1.019   -10.645 1.00 32.10 ? 21 HOH B O     1 
HETATM 407 O O     . HOH F 3 . ? -4.782  0.171   -12.436 1.00 48.27 ? 22 HOH B O     1 
HETATM 408 O O     . HOH F 3 . ? 3.993   -5.640  1.067   1.00 22.59 ? 24 HOH B O     1 
HETATM 409 O O     . HOH F 3 . ? 0.164   -2.309  -13.396 1.00 39.27 ? 26 HOH B O     1 
HETATM 410 O O     . HOH F 3 . ? -7.227  -4.227  -4.340  1.00 34.21 ? 27 HOH B O     1 
HETATM 411 O O     . HOH F 3 . ? 5.137   -6.408  -14.281 1.00 30.24 ? 29 HOH B O     1 
HETATM 412 O O     . HOH F 3 . ? 10.223  7.396   -13.757 1.00 38.64 ? 33 HOH B O     1 
HETATM 413 O O     . HOH F 3 . ? -1.494  8.587   -16.517 1.00 25.02 ? 34 HOH B O     1 
HETATM 414 O O     . HOH F 3 . ? -1.492  6.091   -12.201 1.00 34.50 ? 37 HOH B O     1 
HETATM 415 O O     . HOH F 3 . ? 1.088   5.210   -14.497 1.00 24.09 ? 39 HOH B O     1 
HETATM 416 O O     . HOH F 3 . ? -1.889  -0.450  -16.286 1.00 34.88 ? 45 HOH B O     1 
HETATM 417 O O     . HOH F 3 . ? -2.202  -3.355  -14.844 1.00 34.65 ? 46 HOH B O     1 
HETATM 418 O O     . HOH F 3 . ? 1.691   -3.953  -15.725 1.00 27.22 ? 49 HOH B O     1 
HETATM 419 O O     . HOH F 3 . ? -5.675  -4.766  -11.001 1.00 50.64 ? 50 HOH B O     1 
HETATM 420 O O     . HOH F 3 . ? -5.843  -0.349  -15.088 1.00 30.92 ? 54 HOH B O     1 
HETATM 421 O O     . HOH F 3 . ? 4.434   -2.601  -17.819 1.00 25.08 ? 56 HOH B O     1 
HETATM 422 O O     . HOH F 3 . ? 4.802   -5.466  -1.558  1.00 37.75 ? 59 HOH B O     1 
HETATM 423 O O     . HOH F 3 . ? 1.718   -4.953  -9.378  1.00 22.16 ? 60 HOH B O     1 
HETATM 424 O O     . HOH F 3 . ? -5.537  -4.584  -17.107 1.00 29.95 ? 61 HOH B O     1 
HETATM 425 O O     . HOH F 3 . ? -8.607  -5.754  -8.481  1.00 45.44 ? 65 HOH B O     1 
HETATM 426 O O     . HOH F 3 . ? -3.644  3.139   -14.897 1.00 29.21 ? 74 HOH B O     1 
HETATM 427 O O     . HOH F 3 . ? -8.832  -3.456  -0.578  1.00 49.92 ? 75 HOH B O     1 
HETATM 428 O O     . HOH F 3 . ? 5.305   -2.857  -12.961 1.00 41.84 ? 77 HOH B O     1 
HETATM 429 O O     . HOH F 3 . ? -2.721  0.346   -10.523 1.00 51.21 ? 84 HOH B O     1 
HETATM 430 O O     . HOH F 3 . ? -9.230  -1.910  -7.851  1.00 66.55 ? 85 HOH B O     1 
HETATM 431 O O     . HOH F 3 . ? -1.514  -4.023  -17.998 1.00 36.87 ? 88 HOH B O     1 
HETATM 432 O O     . HOH F 3 . ? 2.415   -8.642  2.129   1.00 23.44 ? 89 HOH B O     1 
HETATM 433 O O     . HOH F 3 . ? -8.092  -5.924  -16.165 1.00 50.18 ? 91 HOH B O     1 
# 
